data_5VDR
#
_entry.id   5VDR
#
_cell.length_a   215.528
_cell.length_b   48.395
_cell.length_c   89.099
_cell.angle_alpha   90.000
_cell.angle_beta   109.890
_cell.angle_gamma   90.000
#
_symmetry.space_group_name_H-M   'C 1 2 1'
#
loop_
_entity.id
_entity.type
_entity.pdbx_description
1 polymer 'Cyclic GMP-AMP synthase'
2 non-polymer 'ZINC ION'
3 non-polymer "3',3'-cdIMP"
4 water water
#
_entity_poly.entity_id   1
_entity_poly.type   'polypeptide(L)'
_entity_poly.pdbx_seq_one_letter_code
;MGASKLRAVLEKLKLSRDDISTAAGMVKGVVDHLLLRLKCDSAFRGVGLLNTGSYYEHVKISAPNEFDVMFKLEVPRIQL
EEYSNTRAYYFVKFKRNPKENPLSQFLEGEILSASKMLSKFRKIIKEEINDIKDTDVIMKRKRGGSPAVTLLISEKISVD
ITLALESKSSWPASTQEGLRIQNWLSAKVRKQLRLKPFYLVPKHAKEGNGFQEETWRLSFSHIEKEILNNHGKSKTCCEN
KEEKCCRKDCLKLMKYLLEQLKERFKDKKHLDKFSSYHVKTAFFHVCTQNPQDSQWDRKDLGLCFDNCVTYFLQCLRTEK
LENYFIPEFNLFSSNLIDKRSKEFLTKQIEYERNNEFPVFDEF
;
_entity_poly.pdbx_strand_id   A,B
#
loop_
_chem_comp.id
_chem_comp.type
_chem_comp.name
_chem_comp.formula
9B7 non-polymer 3',3'-cdIMP 'C20 H22 N8 O14 P2'
ZN non-polymer 'ZINC ION' 'Zn 2'
#
# COMPACT_ATOMS: atom_id res chain seq x y z
N MET A 1 -30.85 -20.67 -10.09
CA MET A 1 -29.74 -21.42 -10.67
C MET A 1 -28.80 -21.94 -9.58
N GLY A 2 -28.55 -23.25 -9.60
CA GLY A 2 -27.67 -23.88 -8.63
C GLY A 2 -26.25 -23.36 -8.63
N ALA A 3 -25.64 -23.32 -7.44
CA ALA A 3 -24.28 -22.84 -7.29
C ALA A 3 -23.27 -23.74 -8.00
N SER A 4 -23.52 -25.04 -7.95
CA SER A 4 -22.63 -26.00 -8.60
C SER A 4 -22.86 -26.00 -10.11
N LYS A 5 -24.07 -25.60 -10.51
CA LYS A 5 -24.40 -25.47 -11.92
C LYS A 5 -23.62 -24.32 -12.54
N LEU A 6 -23.43 -23.27 -11.77
CA LEU A 6 -22.66 -22.11 -12.22
C LEU A 6 -21.17 -22.38 -12.14
N ARG A 7 -20.73 -22.95 -11.01
CA ARG A 7 -19.33 -23.26 -10.79
C ARG A 7 -18.84 -24.35 -11.74
N ALA A 8 -19.80 -25.08 -12.32
CA ALA A 8 -19.46 -26.04 -13.37
C ALA A 8 -19.09 -25.30 -14.65
N VAL A 9 -19.87 -24.26 -14.95
CA VAL A 9 -19.61 -23.43 -16.11
C VAL A 9 -18.27 -22.73 -15.95
N LEU A 10 -18.03 -22.19 -14.76
CA LEU A 10 -16.75 -21.57 -14.44
C LEU A 10 -15.61 -22.58 -14.52
N GLU A 11 -15.91 -23.82 -14.15
CA GLU A 11 -14.94 -24.90 -14.20
C GLU A 11 -14.55 -25.20 -15.66
N LYS A 12 -15.52 -25.13 -16.55
CA LYS A 12 -15.26 -25.43 -17.96
C LYS A 12 -14.63 -24.24 -18.69
N LEU A 13 -14.71 -23.05 -18.10
CA LEU A 13 -14.10 -21.86 -18.70
C LEU A 13 -12.60 -21.78 -18.42
N LYS A 14 -12.13 -22.62 -17.51
CA LYS A 14 -10.73 -22.61 -17.10
C LYS A 14 -9.79 -23.04 -18.22
N LEU A 15 -8.78 -22.22 -18.49
CA LEU A 15 -7.78 -22.54 -19.50
C LEU A 15 -6.53 -23.10 -18.83
N SER A 16 -5.95 -24.14 -19.44
CA SER A 16 -4.79 -24.82 -18.88
C SER A 16 -3.57 -23.90 -18.76
N ARG A 17 -2.57 -24.37 -18.02
CA ARG A 17 -1.35 -23.61 -17.77
C ARG A 17 -0.57 -23.35 -19.07
N ASP A 18 -0.55 -24.35 -19.95
CA ASP A 18 0.18 -24.24 -21.21
C ASP A 18 -0.42 -23.17 -22.11
N ASP A 19 -1.76 -23.12 -22.13
CA ASP A 19 -2.49 -22.17 -22.96
C ASP A 19 -2.20 -20.72 -22.52
N ILE A 20 -1.76 -20.57 -21.28
CA ILE A 20 -1.43 -19.25 -20.74
C ILE A 20 0.05 -18.97 -20.97
N SER A 21 0.89 -19.98 -20.78
CA SER A 21 2.34 -19.81 -20.90
C SER A 21 2.74 -19.51 -22.35
N THR A 22 2.18 -20.26 -23.30
CA THR A 22 2.54 -20.12 -24.70
C THR A 22 2.04 -18.81 -25.28
N ALA A 23 0.77 -18.50 -25.01
CA ALA A 23 0.17 -17.27 -25.51
C ALA A 23 0.82 -16.05 -24.85
N ALA A 24 1.08 -16.17 -23.56
CA ALA A 24 1.75 -15.10 -22.81
C ALA A 24 3.14 -14.84 -23.37
N GLY A 25 3.86 -15.92 -23.68
CA GLY A 25 5.18 -15.79 -24.26
C GLY A 25 5.16 -15.15 -25.64
N MET A 26 4.18 -15.54 -26.45
CA MET A 26 4.03 -15.00 -27.80
C MET A 26 3.62 -13.52 -27.75
N VAL A 27 2.91 -13.13 -26.70
CA VAL A 27 2.50 -11.74 -26.53
C VAL A 27 3.68 -10.89 -26.07
N LYS A 28 4.32 -11.30 -24.98
CA LYS A 28 5.45 -10.55 -24.44
C LYS A 28 6.58 -10.47 -25.47
N GLY A 29 6.68 -11.48 -26.32
CA GLY A 29 7.66 -11.51 -27.39
C GLY A 29 7.55 -10.33 -28.34
N VAL A 30 6.33 -9.85 -28.56
CA VAL A 30 6.10 -8.71 -29.44
C VAL A 30 6.04 -7.41 -28.64
N VAL A 31 5.55 -7.52 -27.40
CA VAL A 31 5.43 -6.37 -26.51
C VAL A 31 6.80 -5.78 -26.19
N ASP A 32 7.78 -6.65 -25.99
CA ASP A 32 9.14 -6.20 -25.69
C ASP A 32 9.77 -5.50 -26.90
N HIS A 33 9.49 -6.03 -28.09
CA HIS A 33 10.00 -5.46 -29.32
C HIS A 33 9.43 -4.07 -29.56
N LEU A 34 8.11 -3.96 -29.52
CA LEU A 34 7.43 -2.69 -29.70
C LEU A 34 7.85 -1.68 -28.62
N LEU A 35 7.96 -2.17 -27.39
CA LEU A 35 8.34 -1.33 -26.25
C LEU A 35 9.73 -0.75 -26.42
N LEU A 36 10.69 -1.60 -26.78
CA LEU A 36 12.08 -1.17 -26.93
C LEU A 36 12.25 -0.25 -28.14
N ARG A 37 11.50 -0.52 -29.21
CA ARG A 37 11.62 0.29 -30.41
C ARG A 37 10.92 1.63 -30.26
N LEU A 38 9.90 1.68 -29.39
CA LEU A 38 9.21 2.93 -29.12
C LEU A 38 10.11 3.92 -28.38
N LYS A 39 11.14 3.41 -27.71
CA LYS A 39 12.07 4.24 -26.97
C LYS A 39 12.98 5.04 -27.90
N CYS A 40 12.94 4.71 -29.19
CA CYS A 40 13.77 5.39 -30.18
C CYS A 40 13.14 6.70 -30.66
N ASP A 41 12.45 7.39 -29.74
CA ASP A 41 11.83 8.67 -30.04
C ASP A 41 11.88 9.58 -28.81
N SER A 42 12.03 10.88 -29.05
CA SER A 42 12.12 11.84 -27.95
C SER A 42 10.82 11.90 -27.17
N ALA A 43 9.71 11.69 -27.87
CA ALA A 43 8.39 11.73 -27.25
C ALA A 43 8.14 10.47 -26.43
N PHE A 44 8.17 9.32 -27.10
CA PHE A 44 7.90 8.04 -26.45
C PHE A 44 9.18 7.47 -25.80
N ARG A 45 9.99 8.35 -25.25
CA ARG A 45 11.24 7.94 -24.61
C ARG A 45 10.96 7.27 -23.27
N GLY A 46 10.22 7.98 -22.40
CA GLY A 46 9.89 7.46 -21.09
C GLY A 46 8.64 6.62 -21.07
N VAL A 47 8.38 5.91 -22.17
CA VAL A 47 7.22 5.03 -22.27
C VAL A 47 7.41 3.84 -21.33
N GLY A 48 6.32 3.21 -20.93
CA GLY A 48 6.40 2.08 -20.03
C GLY A 48 5.18 1.16 -20.06
N LEU A 49 5.35 -0.05 -19.55
CA LEU A 49 4.25 -1.01 -19.49
C LEU A 49 3.47 -0.89 -18.19
N LEU A 50 2.16 -0.72 -18.30
CA LEU A 50 1.29 -0.64 -17.14
C LEU A 50 0.50 -1.94 -17.00
N ASN A 51 0.45 -2.47 -15.78
CA ASN A 51 -0.21 -3.74 -15.54
C ASN A 51 -1.72 -3.60 -15.35
N THR A 52 -2.45 -3.74 -16.45
CA THR A 52 -3.91 -3.75 -16.43
C THR A 52 -4.36 -5.21 -16.44
N GLY A 53 -3.55 -6.06 -15.80
CA GLY A 53 -3.81 -7.49 -15.77
C GLY A 53 -2.76 -8.27 -16.54
N SER A 54 -2.40 -7.73 -17.70
CA SER A 54 -1.43 -8.35 -18.61
C SER A 54 -1.89 -9.73 -19.09
N TYR A 55 -3.17 -10.02 -18.89
CA TYR A 55 -3.78 -11.25 -19.40
C TYR A 55 -4.99 -10.91 -20.25
N TYR A 56 -5.88 -11.87 -20.43
CA TYR A 56 -7.10 -11.63 -21.21
C TYR A 56 -8.18 -11.01 -20.33
N GLU A 57 -9.02 -10.18 -20.95
CA GLU A 57 -10.07 -9.48 -20.22
C GLU A 57 -11.43 -10.17 -20.39
N HIS A 58 -11.63 -10.82 -21.52
CA HIS A 58 -12.86 -11.56 -21.75
C HIS A 58 -12.60 -13.07 -21.68
N VAL A 59 -13.48 -13.77 -20.98
CA VAL A 59 -13.33 -15.21 -20.75
C VAL A 59 -13.49 -16.00 -22.04
N LYS A 60 -14.58 -15.76 -22.76
CA LYS A 60 -14.84 -16.46 -24.02
C LYS A 60 -15.86 -15.70 -24.86
N ALA A 63 -13.02 -14.47 -26.00
CA ALA A 63 -12.03 -15.49 -26.31
C ALA A 63 -10.72 -15.23 -25.55
N PRO A 64 -10.09 -16.31 -25.06
CA PRO A 64 -8.81 -16.21 -24.33
C PRO A 64 -7.62 -15.92 -25.25
N ASN A 65 -7.88 -15.71 -26.53
CA ASN A 65 -6.82 -15.39 -27.48
C ASN A 65 -6.73 -13.88 -27.68
N GLU A 66 -7.42 -13.13 -26.83
CA GLU A 66 -7.44 -11.68 -26.91
C GLU A 66 -6.80 -11.06 -25.68
N PHE A 67 -5.81 -10.20 -25.87
CA PHE A 67 -5.10 -9.58 -24.76
C PHE A 67 -5.32 -8.07 -24.74
N ASP A 68 -4.87 -7.44 -23.67
CA ASP A 68 -4.98 -5.98 -23.54
C ASP A 68 -3.85 -5.43 -22.68
N VAL A 69 -2.99 -4.64 -23.31
CA VAL A 69 -1.85 -4.03 -22.63
C VAL A 69 -1.97 -2.52 -22.72
N MET A 70 -1.45 -1.83 -21.69
CA MET A 70 -1.59 -0.38 -21.60
C MET A 70 -0.22 0.28 -21.49
N PHE A 71 0.04 1.26 -22.35
CA PHE A 71 1.33 1.94 -22.38
C PHE A 71 1.27 3.29 -21.67
N LYS A 72 1.87 3.35 -20.48
CA LYS A 72 1.90 4.59 -19.72
C LYS A 72 3.01 5.52 -20.18
N LEU A 73 2.73 6.82 -20.15
CA LEU A 73 3.69 7.84 -20.52
C LEU A 73 3.51 9.05 -19.61
N GLU A 74 4.45 9.24 -18.70
CA GLU A 74 4.33 10.26 -17.66
C GLU A 74 4.43 11.68 -18.22
N VAL A 75 3.56 12.56 -17.74
CA VAL A 75 3.60 13.97 -18.09
C VAL A 75 3.62 14.80 -16.80
N PRO A 76 4.57 15.74 -16.71
CA PRO A 76 4.83 16.49 -15.47
C PRO A 76 4.00 17.76 -15.32
N ARG A 77 3.32 17.89 -14.19
CA ARG A 77 2.55 19.08 -13.82
C ARG A 77 1.62 19.54 -14.94
N ILE A 78 0.75 18.65 -15.39
CA ILE A 78 -0.21 19.00 -16.43
C ILE A 78 -1.42 19.71 -15.83
N GLN A 79 -1.99 20.63 -16.59
CA GLN A 79 -3.21 21.33 -16.20
C GLN A 79 -4.35 20.85 -17.07
N LEU A 80 -5.39 20.31 -16.44
CA LEU A 80 -6.54 19.75 -17.16
C LEU A 80 -7.66 20.77 -17.30
N GLU A 81 -8.39 20.70 -18.40
CA GLU A 81 -9.54 21.56 -18.61
C GLU A 81 -10.78 20.76 -19.05
N GLU A 82 -11.71 20.58 -18.12
CA GLU A 82 -12.92 19.81 -18.38
C GLU A 82 -13.71 20.35 -19.58
N TYR A 83 -14.10 19.46 -20.47
CA TYR A 83 -14.78 19.85 -21.70
C TYR A 83 -16.30 19.76 -21.61
N SER A 84 -16.97 20.86 -21.93
CA SER A 84 -18.43 20.92 -22.05
C SER A 84 -19.16 20.31 -20.86
N ASN A 85 -18.58 20.47 -19.67
CA ASN A 85 -19.14 19.93 -18.44
C ASN A 85 -19.37 18.42 -18.52
N THR A 86 -18.56 17.76 -19.34
CA THR A 86 -18.53 16.30 -19.37
C THR A 86 -17.44 15.84 -18.41
N ARG A 87 -17.87 15.36 -17.23
CA ARG A 87 -16.97 15.12 -16.11
C ARG A 87 -15.82 14.15 -16.40
N ALA A 88 -15.94 13.37 -17.47
CA ALA A 88 -14.94 12.36 -17.78
C ALA A 88 -13.89 12.85 -18.77
N TYR A 89 -14.29 13.75 -19.67
CA TYR A 89 -13.43 14.17 -20.76
C TYR A 89 -12.72 15.49 -20.47
N TYR A 90 -11.41 15.52 -20.75
CA TYR A 90 -10.58 16.68 -20.42
C TYR A 90 -9.63 17.10 -21.54
N PHE A 91 -9.24 18.37 -21.50
CA PHE A 91 -8.19 18.91 -22.36
C PHE A 91 -6.87 18.90 -21.60
N VAL A 92 -5.81 18.48 -22.27
CA VAL A 92 -4.49 18.45 -21.65
C VAL A 92 -3.66 19.67 -22.02
N LYS A 93 -3.41 20.53 -21.04
CA LYS A 93 -2.54 21.68 -21.23
C LYS A 93 -1.33 21.57 -20.30
N PHE A 94 -0.30 22.35 -20.59
CA PHE A 94 0.92 22.34 -19.78
C PHE A 94 1.07 23.65 -19.03
N LYS A 95 1.45 23.56 -17.76
CA LYS A 95 1.69 24.76 -16.95
C LYS A 95 2.91 25.50 -17.50
N ARG A 96 3.96 24.76 -17.80
CA ARG A 96 5.20 25.35 -18.32
C ARG A 96 5.18 25.43 -19.85
N ASN A 97 4.30 26.25 -20.39
CA ASN A 97 4.27 26.48 -21.84
C ASN A 97 5.55 27.11 -22.41
N PRO A 98 6.20 28.03 -21.67
CA PRO A 98 7.47 28.55 -22.17
C PRO A 98 8.53 27.46 -22.38
N LYS A 99 8.55 26.46 -21.50
CA LYS A 99 9.49 25.36 -21.62
C LYS A 99 9.20 24.51 -22.85
N GLU A 100 10.27 23.96 -23.44
CA GLU A 100 10.13 23.09 -24.60
C GLU A 100 9.75 21.68 -24.15
N ASN A 101 8.65 21.17 -24.71
CA ASN A 101 8.11 19.88 -24.33
C ASN A 101 8.56 18.78 -25.30
N PRO A 102 8.77 17.57 -24.78
CA PRO A 102 9.07 16.44 -25.67
C PRO A 102 7.90 16.16 -26.62
N LEU A 103 6.68 16.36 -26.14
CA LEU A 103 5.48 16.16 -26.93
C LEU A 103 5.05 17.44 -27.64
N SER A 104 5.95 18.41 -27.75
CA SER A 104 5.65 19.71 -28.35
C SER A 104 5.20 19.59 -29.80
N GLN A 105 5.70 18.58 -30.49
CA GLN A 105 5.34 18.34 -31.89
C GLN A 105 3.85 18.02 -32.03
N PHE A 106 3.23 17.58 -30.94
CA PHE A 106 1.82 17.22 -30.97
C PHE A 106 0.95 18.31 -30.35
N LEU A 107 1.55 19.43 -29.99
CA LEU A 107 0.81 20.54 -29.40
C LEU A 107 -0.04 21.25 -30.44
N GLU A 108 -1.35 21.26 -30.21
CA GLU A 108 -2.28 21.95 -31.10
C GLU A 108 -2.51 23.37 -30.58
N GLY A 109 -1.41 24.05 -30.24
CA GLY A 109 -1.48 25.35 -29.62
C GLY A 109 -1.10 25.27 -28.16
N GLU A 110 -2.08 25.46 -27.29
CA GLU A 110 -1.88 25.27 -25.86
C GLU A 110 -2.42 23.91 -25.44
N ILE A 111 -3.29 23.34 -26.28
CA ILE A 111 -3.89 22.04 -26.02
C ILE A 111 -3.08 20.95 -26.73
N LEU A 112 -2.77 19.88 -26.01
CA LEU A 112 -2.07 18.74 -26.59
C LEU A 112 -3.03 17.89 -27.42
N SER A 113 -2.77 17.81 -28.73
CA SER A 113 -3.64 17.07 -29.63
C SER A 113 -3.49 15.56 -29.45
N ALA A 114 -4.61 14.89 -29.15
CA ALA A 114 -4.62 13.46 -28.96
C ALA A 114 -4.51 12.71 -30.29
N SER A 115 -5.16 13.26 -31.32
CA SER A 115 -5.17 12.64 -32.64
C SER A 115 -3.78 12.52 -33.24
N LYS A 116 -2.95 13.53 -33.02
CA LYS A 116 -1.57 13.53 -33.53
C LYS A 116 -0.76 12.43 -32.84
N MET A 117 -0.86 12.37 -31.51
CA MET A 117 -0.17 11.35 -30.73
C MET A 117 -0.59 9.95 -31.14
N LEU A 118 -1.89 9.77 -31.33
CA LEU A 118 -2.44 8.47 -31.74
C LEU A 118 -1.94 8.12 -33.14
N SER A 119 -1.85 9.11 -34.01
CA SER A 119 -1.40 8.90 -35.39
C SER A 119 0.06 8.47 -35.43
N LYS A 120 0.91 9.19 -34.68
CA LYS A 120 2.33 8.88 -34.64
C LYS A 120 2.57 7.51 -33.99
N PHE A 121 1.90 7.29 -32.87
CA PHE A 121 1.99 6.02 -32.14
C PHE A 121 1.60 4.83 -33.02
N ARG A 122 0.41 4.92 -33.61
CA ARG A 122 -0.10 3.88 -34.49
C ARG A 122 0.77 3.67 -35.73
N LYS A 123 1.31 4.75 -36.26
CA LYS A 123 2.17 4.68 -37.44
C LYS A 123 3.47 3.97 -37.11
N ILE A 124 4.01 4.27 -35.93
CA ILE A 124 5.21 3.61 -35.45
C ILE A 124 4.93 2.12 -35.31
N ILE A 125 3.77 1.78 -34.75
CA ILE A 125 3.39 0.39 -34.59
C ILE A 125 3.30 -0.32 -35.94
N LYS A 126 2.68 0.32 -36.93
CA LYS A 126 2.58 -0.26 -38.26
C LYS A 126 3.94 -0.48 -38.92
N GLU A 127 4.82 0.50 -38.78
CA GLU A 127 6.12 0.42 -39.42
C GLU A 127 7.00 -0.62 -38.75
N GLU A 128 6.83 -0.81 -37.44
CA GLU A 128 7.61 -1.82 -36.74
C GLU A 128 7.05 -3.22 -36.98
N ILE A 129 5.72 -3.31 -37.06
CA ILE A 129 5.07 -4.58 -37.34
C ILE A 129 5.43 -5.03 -38.75
N ASN A 130 5.77 -4.07 -39.60
CA ASN A 130 6.28 -4.38 -40.93
C ASN A 130 7.63 -5.09 -40.87
N ASP A 131 8.53 -4.59 -40.01
CA ASP A 131 9.90 -5.09 -39.97
C ASP A 131 10.12 -6.39 -39.20
N ILE A 132 9.19 -6.79 -38.34
CA ILE A 132 9.36 -8.02 -37.58
C ILE A 132 9.27 -9.22 -38.53
N LYS A 133 10.15 -10.18 -38.35
CA LYS A 133 10.17 -11.37 -39.21
C LYS A 133 10.09 -12.68 -38.41
N ASP A 134 10.36 -12.61 -37.12
CA ASP A 134 10.37 -13.79 -36.27
C ASP A 134 8.96 -14.36 -36.04
N THR A 135 7.94 -13.51 -36.12
CA THR A 135 6.57 -13.93 -35.90
C THR A 135 5.66 -13.34 -36.96
N ASP A 136 4.57 -14.03 -37.27
CA ASP A 136 3.63 -13.53 -38.26
C ASP A 136 2.59 -12.66 -37.56
N VAL A 137 2.66 -11.36 -37.80
CA VAL A 137 1.76 -10.40 -37.16
C VAL A 137 1.23 -9.42 -38.20
N ILE A 138 -0.07 -9.15 -38.15
CA ILE A 138 -0.67 -8.14 -39.02
C ILE A 138 -1.26 -7.04 -38.14
N MET A 139 -1.30 -5.81 -38.65
CA MET A 139 -1.86 -4.71 -37.87
C MET A 139 -3.33 -4.48 -38.26
N LYS A 140 -4.22 -4.61 -37.29
CA LYS A 140 -5.67 -4.51 -37.53
C LYS A 140 -6.13 -3.11 -37.94
N ARG A 141 -7.19 -3.05 -38.74
CA ARG A 141 -7.75 -1.80 -39.23
C ARG A 141 -8.26 -0.91 -38.09
N LYS A 142 -8.22 0.40 -38.28
CA LYS A 142 -8.67 1.34 -37.27
C LYS A 142 -10.18 1.28 -37.08
N ARG A 143 -10.60 1.18 -35.82
CA ARG A 143 -12.02 1.11 -35.49
C ARG A 143 -12.60 2.51 -35.31
N GLY A 144 -13.92 2.57 -35.13
CA GLY A 144 -14.60 3.84 -34.99
C GLY A 144 -14.35 4.53 -33.66
N GLY A 145 -13.44 5.51 -33.68
CA GLY A 145 -13.13 6.29 -32.50
C GLY A 145 -12.57 5.48 -31.34
N SER A 146 -11.72 4.52 -31.66
CA SER A 146 -11.12 3.67 -30.64
C SER A 146 -9.68 4.11 -30.34
N PRO A 147 -9.37 4.29 -29.05
CA PRO A 147 -8.03 4.69 -28.59
C PRO A 147 -7.01 3.58 -28.74
N ALA A 148 -7.47 2.37 -29.05
CA ALA A 148 -6.58 1.21 -29.11
C ALA A 148 -6.00 0.97 -30.50
N VAL A 149 -4.94 0.17 -30.52
CA VAL A 149 -4.30 -0.29 -31.75
C VAL A 149 -4.15 -1.81 -31.64
N THR A 150 -4.92 -2.54 -32.43
CA THR A 150 -4.95 -4.00 -32.32
C THR A 150 -4.03 -4.65 -33.35
N LEU A 151 -3.37 -5.73 -32.96
CA LEU A 151 -2.57 -6.52 -33.88
C LEU A 151 -2.78 -8.02 -33.66
N LEU A 152 -2.69 -8.78 -34.76
CA LEU A 152 -2.92 -10.21 -34.73
C LEU A 152 -1.63 -11.00 -34.95
N ILE A 153 -1.25 -11.77 -33.94
CA ILE A 153 -0.05 -12.58 -33.96
C ILE A 153 -0.40 -14.01 -34.35
N SER A 154 0.29 -14.51 -35.37
CA SER A 154 0.12 -15.88 -35.87
C SER A 154 -1.33 -16.22 -36.17
N GLU A 155 -2.08 -15.22 -36.64
CA GLU A 155 -3.46 -15.41 -37.08
C GLU A 155 -4.38 -15.95 -35.99
N LYS A 156 -3.98 -15.83 -34.73
CA LYS A 156 -4.79 -16.34 -33.64
C LYS A 156 -4.81 -15.45 -32.40
N ILE A 157 -3.72 -14.74 -32.13
CA ILE A 157 -3.64 -13.93 -30.91
C ILE A 157 -3.99 -12.47 -31.19
N SER A 158 -4.95 -11.93 -30.45
CA SER A 158 -5.34 -10.53 -30.62
C SER A 158 -4.78 -9.68 -29.48
N VAL A 159 -4.11 -8.59 -29.82
CA VAL A 159 -3.56 -7.68 -28.80
C VAL A 159 -4.04 -6.25 -29.02
N ASP A 160 -4.69 -5.69 -28.01
CA ASP A 160 -5.17 -4.32 -28.06
C ASP A 160 -4.26 -3.39 -27.25
N ILE A 161 -3.46 -2.59 -27.94
CA ILE A 161 -2.54 -1.68 -27.27
C ILE A 161 -3.16 -0.30 -27.07
N THR A 162 -3.25 0.13 -25.82
CA THR A 162 -3.84 1.44 -25.54
C THR A 162 -2.82 2.38 -24.88
N LEU A 163 -2.56 3.50 -25.54
CA LEU A 163 -1.64 4.50 -25.03
C LEU A 163 -2.33 5.42 -24.04
N ALA A 164 -1.64 5.76 -22.95
CA ALA A 164 -2.24 6.60 -21.92
C ALA A 164 -1.22 7.48 -21.20
N LEU A 165 -1.59 8.72 -20.95
CA LEU A 165 -0.75 9.64 -20.20
C LEU A 165 -0.90 9.39 -18.69
N GLU A 166 0.21 9.51 -17.96
CA GLU A 166 0.20 9.30 -16.53
C GLU A 166 0.33 10.62 -15.78
N SER A 167 -0.51 10.81 -14.77
CA SER A 167 -0.45 12.01 -13.94
C SER A 167 -0.37 11.64 -12.46
N LYS A 168 0.74 11.99 -11.82
CA LYS A 168 0.96 11.68 -10.42
C LYS A 168 0.29 12.70 -9.49
N SER A 169 -0.24 13.77 -10.08
CA SER A 169 -0.94 14.80 -9.31
C SER A 169 -2.26 14.25 -8.76
N SER A 170 -2.88 15.02 -7.86
CA SER A 170 -4.12 14.61 -7.22
C SER A 170 -5.25 14.44 -8.24
N TRP A 171 -6.20 13.57 -7.92
CA TRP A 171 -7.31 13.26 -8.81
C TRP A 171 -8.22 14.46 -9.03
N PRO A 172 -8.77 14.60 -10.24
CA PRO A 172 -9.71 15.67 -10.59
C PRO A 172 -10.91 15.77 -9.65
N ALA A 173 -11.56 16.92 -9.63
CA ALA A 173 -12.65 17.19 -8.70
C ALA A 173 -13.92 16.41 -9.07
N SER A 174 -13.97 15.89 -10.28
CA SER A 174 -15.13 15.12 -10.73
C SER A 174 -15.13 13.74 -10.08
N THR A 175 -13.96 13.29 -9.65
CA THR A 175 -13.81 11.98 -9.03
C THR A 175 -13.86 12.07 -7.51
N GLN A 176 -14.07 13.28 -7.01
CA GLN A 176 -14.06 13.55 -5.57
C GLN A 176 -15.01 12.67 -4.78
N GLU A 177 -16.29 12.68 -5.17
CA GLU A 177 -17.31 11.92 -4.45
C GLU A 177 -17.43 10.50 -4.99
N GLY A 178 -16.46 10.08 -5.80
CA GLY A 178 -16.45 8.75 -6.35
C GLY A 178 -15.71 7.75 -5.47
N LEU A 179 -15.61 6.51 -5.94
CA LEU A 179 -14.91 5.45 -5.22
C LEU A 179 -15.44 5.30 -3.79
N ARG A 180 -16.76 5.11 -3.67
CA ARG A 180 -17.40 4.97 -2.37
C ARG A 180 -17.12 3.60 -1.78
N ILE A 181 -15.88 3.38 -1.35
CA ILE A 181 -15.46 2.09 -0.82
C ILE A 181 -15.25 2.16 0.69
N GLN A 182 -15.70 3.25 1.31
CA GLN A 182 -15.49 3.46 2.73
C GLN A 182 -16.10 2.36 3.61
N ASN A 183 -17.31 1.94 3.31
CA ASN A 183 -17.98 0.91 4.09
C ASN A 183 -17.48 -0.48 3.70
N TRP A 184 -16.83 -0.56 2.54
CA TRP A 184 -16.39 -1.83 1.98
C TRP A 184 -14.93 -2.13 2.32
N LEU A 185 -14.03 -1.30 1.82
CA LEU A 185 -12.60 -1.52 1.96
C LEU A 185 -11.95 -0.52 2.92
N SER A 186 -12.78 0.24 3.63
CA SER A 186 -12.37 1.26 4.62
C SER A 186 -11.90 2.54 3.95
N ALA A 187 -12.12 3.66 4.64
CA ALA A 187 -11.75 4.98 4.13
C ALA A 187 -10.24 5.17 4.06
N LYS A 188 -9.52 4.37 4.85
CA LYS A 188 -8.06 4.39 4.84
C LYS A 188 -7.53 3.96 3.48
N VAL A 189 -8.09 2.86 2.98
CA VAL A 189 -7.70 2.31 1.69
C VAL A 189 -8.09 3.28 0.57
N ARG A 190 -9.21 3.97 0.73
CA ARG A 190 -9.61 4.98 -0.24
C ARG A 190 -8.60 6.11 -0.25
N LYS A 191 -8.21 6.56 0.94
CA LYS A 191 -7.20 7.60 1.09
C LYS A 191 -5.89 7.23 0.40
N GLN A 192 -5.40 6.02 0.68
CA GLN A 192 -4.12 5.58 0.13
C GLN A 192 -4.20 5.31 -1.37
N LEU A 193 -5.39 4.97 -1.85
CA LEU A 193 -5.60 4.68 -3.27
C LEU A 193 -5.67 5.96 -4.08
N ARG A 194 -6.30 6.99 -3.51
CA ARG A 194 -6.42 8.27 -4.22
C ARG A 194 -5.09 9.01 -4.30
N LEU A 195 -4.09 8.53 -3.57
CA LEU A 195 -2.75 9.10 -3.65
C LEU A 195 -2.03 8.60 -4.90
N LYS A 196 -2.49 7.47 -5.43
CA LYS A 196 -1.91 6.89 -6.64
C LYS A 196 -2.18 7.77 -7.86
N PRO A 197 -1.33 7.67 -8.88
CA PRO A 197 -1.54 8.46 -10.10
C PRO A 197 -2.78 8.04 -10.87
N PHE A 198 -3.29 8.92 -11.74
CA PHE A 198 -4.43 8.58 -12.59
C PHE A 198 -4.00 8.68 -14.05
N TYR A 199 -4.78 8.11 -14.96
CA TYR A 199 -4.34 8.06 -16.34
C TYR A 199 -5.32 8.75 -17.30
N LEU A 200 -4.87 8.96 -18.53
CA LEU A 200 -5.68 9.64 -19.54
C LEU A 200 -5.55 8.94 -20.89
N VAL A 201 -6.70 8.59 -21.48
CA VAL A 201 -6.70 7.91 -22.78
C VAL A 201 -7.26 8.83 -23.87
N PRO A 202 -6.78 8.69 -25.11
CA PRO A 202 -7.23 9.55 -26.21
C PRO A 202 -8.61 9.18 -26.74
N LYS A 203 -9.66 9.67 -26.09
CA LYS A 203 -11.03 9.41 -26.50
C LYS A 203 -11.80 10.73 -26.67
N HIS A 204 -12.44 10.90 -27.83
CA HIS A 204 -13.19 12.11 -28.10
C HIS A 204 -14.60 12.05 -27.52
N ALA A 205 -15.14 13.20 -27.15
CA ALA A 205 -16.48 13.27 -26.57
C ALA A 205 -17.51 13.73 -27.60
N LYS A 206 -18.77 13.37 -27.35
CA LYS A 206 -19.86 13.72 -28.26
C LYS A 206 -20.33 15.15 -28.02
N GLY A 210 -21.57 16.34 -33.45
CA GLY A 210 -20.15 16.30 -33.74
C GLY A 210 -19.32 15.72 -32.61
N PHE A 211 -18.01 15.61 -32.83
CA PHE A 211 -17.10 15.09 -31.81
C PHE A 211 -15.91 16.02 -31.60
N GLN A 212 -15.52 16.19 -30.34
CA GLN A 212 -14.34 16.99 -30.01
C GLN A 212 -13.12 16.07 -29.98
N GLU A 213 -12.42 16.00 -31.10
CA GLU A 213 -11.38 14.98 -31.30
C GLU A 213 -10.12 15.15 -30.47
N GLU A 214 -9.96 16.29 -29.81
CA GLU A 214 -8.74 16.56 -29.05
C GLU A 214 -8.94 16.47 -27.53
N THR A 215 -9.83 15.60 -27.08
CA THR A 215 -10.08 15.42 -25.65
C THR A 215 -9.58 14.08 -25.13
N TRP A 216 -9.39 14.00 -23.82
CA TRP A 216 -8.91 12.79 -23.15
C TRP A 216 -9.88 12.34 -22.08
N ARG A 217 -9.92 11.04 -21.82
CA ARG A 217 -10.80 10.47 -20.80
C ARG A 217 -9.99 9.99 -19.60
N LEU A 218 -10.55 10.18 -18.41
CA LEU A 218 -9.92 9.72 -17.18
C LEU A 218 -9.94 8.19 -17.14
N SER A 219 -8.86 7.61 -16.61
CA SER A 219 -8.75 6.16 -16.53
C SER A 219 -8.13 5.74 -15.20
N PHE A 220 -8.81 4.81 -14.54
CA PHE A 220 -8.37 4.27 -13.26
C PHE A 220 -8.34 2.75 -13.30
N SER A 221 -7.90 2.21 -14.45
CA SER A 221 -7.86 0.77 -14.67
C SER A 221 -6.98 0.07 -13.63
N HIS A 222 -5.89 0.74 -13.26
CA HIS A 222 -4.96 0.21 -12.27
C HIS A 222 -5.64 0.08 -10.91
N ILE A 223 -6.50 1.04 -10.59
CA ILE A 223 -7.24 1.01 -9.33
C ILE A 223 -8.28 -0.11 -9.37
N GLU A 224 -8.86 -0.31 -10.55
CA GLU A 224 -9.83 -1.40 -10.74
C GLU A 224 -9.17 -2.74 -10.47
N LYS A 225 -7.97 -2.91 -11.04
CA LYS A 225 -7.17 -4.10 -10.79
C LYS A 225 -6.85 -4.24 -9.31
N GLU A 226 -6.51 -3.11 -8.68
CA GLU A 226 -6.14 -3.07 -7.28
C GLU A 226 -7.27 -3.58 -6.37
N ILE A 227 -8.43 -2.94 -6.45
CA ILE A 227 -9.56 -3.32 -5.62
C ILE A 227 -10.08 -4.71 -6.02
N LEU A 228 -9.82 -5.10 -7.26
CA LEU A 228 -10.30 -6.39 -7.75
C LEU A 228 -9.49 -7.54 -7.17
N ASN A 229 -8.17 -7.38 -7.11
CA ASN A 229 -7.29 -8.41 -6.58
C ASN A 229 -7.31 -8.44 -5.04
N ASN A 230 -7.71 -7.32 -4.45
CA ASN A 230 -7.87 -7.23 -3.00
C ASN A 230 -9.28 -6.72 -2.72
N HIS A 231 -10.23 -7.64 -2.62
CA HIS A 231 -11.64 -7.32 -2.74
C HIS A 231 -12.46 -7.47 -1.46
N GLY A 232 -11.91 -8.18 -0.47
CA GLY A 232 -12.67 -8.48 0.73
C GLY A 232 -12.57 -7.42 1.81
N LYS A 233 -13.54 -7.42 2.73
CA LYS A 233 -13.46 -6.55 3.89
C LYS A 233 -12.40 -7.10 4.84
N SER A 234 -12.36 -8.43 4.95
CA SER A 234 -11.29 -9.10 5.69
C SER A 234 -10.03 -9.13 4.83
N LYS A 235 -8.88 -8.87 5.45
CA LYS A 235 -7.61 -8.86 4.73
C LYS A 235 -7.21 -10.25 4.25
N THR A 236 -7.65 -11.27 4.99
CA THR A 236 -7.31 -12.65 4.66
C THR A 236 -8.37 -13.30 3.79
N CYS A 237 -9.16 -12.48 3.10
CA CYS A 237 -10.19 -12.97 2.21
C CYS A 237 -9.57 -13.77 1.07
N CYS A 238 -10.10 -14.98 0.86
CA CYS A 238 -9.64 -15.90 -0.19
C CYS A 238 -8.20 -16.38 0.01
N GLU A 239 -7.64 -16.15 1.20
CA GLU A 239 -6.31 -16.66 1.51
C GLU A 239 -6.38 -17.97 2.27
N ASN A 240 -7.52 -18.21 2.91
CA ASN A 240 -7.74 -19.44 3.66
C ASN A 240 -9.08 -20.08 3.29
N LYS A 241 -9.30 -21.30 3.77
CA LYS A 241 -10.50 -22.07 3.42
C LYS A 241 -11.78 -21.40 3.90
N GLU A 242 -11.75 -20.85 5.10
CA GLU A 242 -12.94 -20.27 5.72
C GLU A 242 -13.30 -18.89 5.18
N GLU A 243 -12.50 -18.38 4.24
CA GLU A 243 -12.74 -17.04 3.70
C GLU A 243 -12.88 -17.01 2.18
N LYS A 244 -13.28 -18.13 1.59
CA LYS A 244 -13.51 -18.17 0.15
C LYS A 244 -14.83 -17.50 -0.20
N CYS A 245 -14.77 -16.52 -1.11
CA CYS A 245 -15.96 -15.80 -1.54
C CYS A 245 -16.21 -16.01 -3.02
N CYS A 246 -17.23 -15.36 -3.56
CA CYS A 246 -17.62 -15.57 -4.95
C CYS A 246 -17.77 -14.26 -5.74
N ARG A 247 -17.02 -13.23 -5.35
CA ARG A 247 -17.05 -11.96 -6.06
C ARG A 247 -16.53 -12.11 -7.48
N LYS A 248 -15.30 -12.58 -7.59
CA LYS A 248 -14.64 -12.79 -8.89
C LYS A 248 -15.45 -13.74 -9.76
N ASP A 249 -16.09 -14.73 -9.15
CA ASP A 249 -16.89 -15.70 -9.88
C ASP A 249 -18.15 -15.04 -10.43
N CYS A 250 -18.74 -14.16 -9.65
CA CYS A 250 -19.89 -13.39 -10.09
C CYS A 250 -19.52 -12.50 -11.27
N LEU A 251 -18.35 -11.86 -11.17
CA LEU A 251 -17.88 -11.00 -12.26
C LEU A 251 -17.63 -11.80 -13.53
N LYS A 252 -17.00 -12.97 -13.40
CA LYS A 252 -16.77 -13.86 -14.53
C LYS A 252 -18.09 -14.27 -15.18
N LEU A 253 -19.05 -14.67 -14.36
CA LEU A 253 -20.36 -15.11 -14.85
C LEU A 253 -21.10 -14.00 -15.59
N MET A 254 -21.10 -12.80 -15.02
CA MET A 254 -21.73 -11.64 -15.64
C MET A 254 -21.08 -11.33 -16.99
N LYS A 255 -19.76 -11.20 -16.99
CA LYS A 255 -19.00 -10.89 -18.20
C LYS A 255 -19.23 -11.93 -19.29
N TYR A 256 -19.28 -13.19 -18.89
CA TYR A 256 -19.47 -14.30 -19.82
C TYR A 256 -20.89 -14.29 -20.38
N LEU A 257 -21.86 -13.94 -19.54
CA LEU A 257 -23.24 -13.82 -19.99
C LEU A 257 -23.36 -12.72 -21.04
N LEU A 258 -22.80 -11.56 -20.75
CA LEU A 258 -22.84 -10.45 -21.69
C LEU A 258 -22.14 -10.80 -22.99
N GLU A 259 -21.00 -11.47 -22.89
CA GLU A 259 -20.23 -11.87 -24.06
C GLU A 259 -21.03 -12.83 -24.95
N GLN A 260 -21.57 -13.88 -24.34
CA GLN A 260 -22.35 -14.88 -25.06
C GLN A 260 -23.60 -14.27 -25.69
N LEU A 261 -24.25 -13.35 -24.99
CA LEU A 261 -25.42 -12.66 -25.53
C LEU A 261 -25.01 -11.80 -26.72
N LYS A 262 -23.86 -11.14 -26.60
CA LYS A 262 -23.35 -10.30 -27.68
C LYS A 262 -23.03 -11.13 -28.91
N GLU A 263 -22.58 -12.36 -28.70
CA GLU A 263 -22.22 -13.25 -29.80
C GLU A 263 -23.45 -13.87 -30.45
N ARG A 264 -24.47 -14.17 -29.64
CA ARG A 264 -25.70 -14.75 -30.19
C ARG A 264 -26.38 -13.78 -31.14
N PHE A 265 -26.37 -12.50 -30.79
CA PHE A 265 -26.98 -11.48 -31.62
C PHE A 265 -25.92 -10.60 -32.26
N LYS A 266 -24.85 -11.26 -32.73
CA LYS A 266 -23.76 -10.57 -33.41
C LYS A 266 -24.23 -9.91 -34.70
N ASP A 267 -25.19 -10.55 -35.37
CA ASP A 267 -25.73 -10.04 -36.62
C ASP A 267 -26.46 -8.71 -36.40
N LYS A 268 -27.13 -8.59 -35.26
CA LYS A 268 -27.82 -7.35 -34.92
C LYS A 268 -26.82 -6.32 -34.42
N LYS A 269 -27.29 -5.11 -34.16
CA LYS A 269 -26.43 -4.02 -33.72
C LYS A 269 -26.84 -3.48 -32.36
N HIS A 270 -27.78 -4.16 -31.72
CA HIS A 270 -28.34 -3.70 -30.46
C HIS A 270 -27.33 -3.78 -29.30
N LEU A 271 -26.55 -4.85 -29.26
CA LEU A 271 -25.67 -5.09 -28.11
C LEU A 271 -24.21 -4.76 -28.41
N ASP A 272 -23.95 -4.07 -29.51
CA ASP A 272 -22.58 -3.73 -29.89
C ASP A 272 -21.96 -2.68 -28.96
N LYS A 273 -22.81 -1.85 -28.38
CA LYS A 273 -22.33 -0.77 -27.51
C LYS A 273 -22.10 -1.23 -26.08
N PHE A 274 -22.64 -2.39 -25.72
CA PHE A 274 -22.45 -2.94 -24.39
C PHE A 274 -21.11 -3.64 -24.30
N SER A 275 -20.35 -3.32 -23.26
CA SER A 275 -19.02 -3.88 -23.06
C SER A 275 -18.84 -4.37 -21.63
N SER A 276 -17.72 -5.04 -21.38
CA SER A 276 -17.44 -5.61 -20.06
C SER A 276 -17.23 -4.54 -18.99
N TYR A 277 -16.97 -3.31 -19.42
CA TYR A 277 -16.72 -2.24 -18.46
C TYR A 277 -18.01 -1.87 -17.72
N HIS A 278 -19.14 -1.96 -18.40
CA HIS A 278 -20.43 -1.71 -17.77
C HIS A 278 -20.70 -2.77 -16.70
N VAL A 279 -20.39 -4.02 -17.04
CA VAL A 279 -20.55 -5.15 -16.13
C VAL A 279 -19.66 -4.96 -14.90
N LYS A 280 -18.41 -4.59 -15.14
CA LYS A 280 -17.45 -4.32 -14.08
C LYS A 280 -17.97 -3.24 -13.14
N THR A 281 -18.42 -2.13 -13.73
CA THR A 281 -18.95 -0.99 -12.98
C THR A 281 -20.13 -1.40 -12.10
N ALA A 282 -21.10 -2.08 -12.71
CA ALA A 282 -22.27 -2.56 -11.99
C ALA A 282 -21.85 -3.46 -10.83
N PHE A 283 -20.89 -4.35 -11.10
CA PHE A 283 -20.38 -5.27 -10.09
C PHE A 283 -19.78 -4.51 -8.91
N PHE A 284 -19.03 -3.46 -9.21
CA PHE A 284 -18.45 -2.63 -8.16
C PHE A 284 -19.54 -1.96 -7.34
N HIS A 285 -20.60 -1.51 -8.01
CA HIS A 285 -21.73 -0.91 -7.32
C HIS A 285 -22.40 -1.92 -6.38
N VAL A 286 -22.52 -3.17 -6.82
CA VAL A 286 -23.12 -4.21 -6.00
C VAL A 286 -22.20 -4.53 -4.81
N CYS A 287 -20.89 -4.47 -5.05
CA CYS A 287 -19.91 -4.67 -3.98
C CYS A 287 -20.07 -3.59 -2.92
N THR A 288 -20.32 -2.37 -3.36
CA THR A 288 -20.59 -1.27 -2.44
C THR A 288 -21.88 -1.54 -1.67
N GLN A 289 -22.90 -2.03 -2.38
CA GLN A 289 -24.18 -2.36 -1.75
C GLN A 289 -24.06 -3.50 -0.75
N ASN A 290 -23.20 -4.48 -1.05
CA ASN A 290 -23.00 -5.62 -0.18
C ASN A 290 -21.54 -5.74 0.23
N PRO A 291 -21.14 -4.97 1.26
CA PRO A 291 -19.73 -4.84 1.67
C PRO A 291 -19.22 -5.99 2.53
N GLN A 292 -20.13 -6.74 3.16
CA GLN A 292 -19.72 -7.83 4.04
C GLN A 292 -19.30 -9.06 3.24
N ASP A 293 -18.24 -9.72 3.69
CA ASP A 293 -17.76 -10.94 3.05
C ASP A 293 -18.79 -12.06 3.22
N SER A 294 -19.56 -12.00 4.29
CA SER A 294 -20.62 -12.97 4.56
C SER A 294 -21.71 -12.90 3.49
N GLN A 295 -21.86 -11.71 2.90
CA GLN A 295 -22.82 -11.49 1.83
C GLN A 295 -22.32 -12.10 0.52
N TRP A 296 -21.10 -12.60 0.53
CA TRP A 296 -20.51 -13.21 -0.66
C TRP A 296 -20.02 -14.63 -0.37
N ASP A 297 -20.78 -15.38 0.42
CA ASP A 297 -20.44 -16.77 0.72
C ASP A 297 -20.48 -17.58 -0.56
N ARG A 298 -19.57 -18.55 -0.69
CA ARG A 298 -19.48 -19.34 -1.91
C ARG A 298 -20.74 -20.17 -2.16
N LYS A 299 -21.30 -20.73 -1.10
CA LYS A 299 -22.49 -21.57 -1.23
C LYS A 299 -23.70 -20.74 -1.65
N ASP A 300 -23.55 -19.43 -1.62
CA ASP A 300 -24.62 -18.51 -2.00
C ASP A 300 -24.40 -17.96 -3.42
N LEU A 301 -23.42 -18.53 -4.12
CA LEU A 301 -23.02 -18.08 -5.46
C LEU A 301 -24.20 -17.65 -6.33
N GLY A 302 -25.08 -18.60 -6.62
CA GLY A 302 -26.28 -18.34 -7.40
C GLY A 302 -27.00 -17.08 -6.98
N LEU A 303 -27.38 -17.03 -5.70
CA LEU A 303 -28.05 -15.86 -5.15
C LEU A 303 -27.27 -14.59 -5.48
N CYS A 304 -25.97 -14.61 -5.15
CA CYS A 304 -25.09 -13.48 -5.41
C CYS A 304 -25.17 -13.09 -6.87
N PHE A 305 -25.09 -14.09 -7.75
CA PHE A 305 -25.10 -13.85 -9.19
C PHE A 305 -26.39 -13.13 -9.56
N ASP A 306 -27.49 -13.56 -8.97
CA ASP A 306 -28.79 -12.95 -9.23
C ASP A 306 -28.75 -11.48 -8.86
N ASN A 307 -28.12 -11.18 -7.72
CA ASN A 307 -28.01 -9.80 -7.25
C ASN A 307 -27.27 -8.97 -8.29
N CYS A 308 -26.28 -9.58 -8.94
CA CYS A 308 -25.51 -8.88 -9.95
C CYS A 308 -26.35 -8.71 -11.22
N VAL A 309 -27.21 -9.68 -11.48
CA VAL A 309 -28.07 -9.63 -12.65
C VAL A 309 -29.14 -8.56 -12.46
N THR A 310 -29.94 -8.73 -11.40
CA THR A 310 -31.03 -7.83 -11.08
C THR A 310 -30.62 -6.36 -11.14
N TYR A 311 -29.60 -6.00 -10.38
CA TYR A 311 -29.09 -4.64 -10.34
C TYR A 311 -28.76 -4.15 -11.75
N PHE A 312 -28.05 -4.98 -12.50
CA PHE A 312 -27.68 -4.63 -13.86
C PHE A 312 -28.93 -4.32 -14.67
N LEU A 313 -29.93 -5.19 -14.55
CA LEU A 313 -31.21 -4.99 -15.23
C LEU A 313 -31.79 -3.64 -14.86
N GLN A 314 -31.73 -3.32 -13.57
CA GLN A 314 -32.25 -2.04 -13.09
C GLN A 314 -31.56 -0.89 -13.81
N CYS A 315 -30.24 -1.00 -13.95
CA CYS A 315 -29.47 0.05 -14.61
C CYS A 315 -29.89 0.20 -16.07
N LEU A 316 -30.30 -0.91 -16.69
CA LEU A 316 -30.79 -0.87 -18.06
C LEU A 316 -32.20 -0.32 -18.08
N ARG A 317 -32.96 -0.63 -17.04
CA ARG A 317 -34.37 -0.25 -16.97
C ARG A 317 -34.51 1.24 -16.67
N THR A 318 -33.66 1.74 -15.78
CA THR A 318 -33.72 3.14 -15.37
C THR A 318 -32.76 4.02 -16.18
N GLU A 319 -32.00 3.39 -17.08
CA GLU A 319 -31.02 4.08 -17.91
C GLU A 319 -30.02 4.89 -17.08
N LYS A 320 -29.59 4.32 -15.96
CA LYS A 320 -28.63 4.99 -15.07
C LYS A 320 -27.54 4.02 -14.64
N LEU A 321 -26.30 4.33 -14.99
CA LEU A 321 -25.15 3.57 -14.53
C LEU A 321 -23.95 4.48 -14.36
N GLU A 322 -23.78 4.99 -13.14
CA GLU A 322 -22.72 5.94 -12.84
C GLU A 322 -21.35 5.30 -12.87
N ASN A 323 -20.38 6.00 -13.46
CA ASN A 323 -18.99 5.57 -13.43
C ASN A 323 -18.53 5.50 -11.97
N TYR A 324 -17.97 4.35 -11.59
CA TYR A 324 -17.63 4.08 -10.19
C TYR A 324 -16.66 5.11 -9.60
N PHE A 325 -15.89 5.75 -10.46
CA PHE A 325 -14.93 6.76 -10.04
C PHE A 325 -15.46 8.17 -10.31
N ILE A 326 -16.31 8.28 -11.33
CA ILE A 326 -16.90 9.57 -11.70
C ILE A 326 -18.42 9.46 -11.62
N PRO A 327 -18.98 9.80 -10.45
CA PRO A 327 -20.42 9.67 -10.16
C PRO A 327 -21.31 10.43 -11.13
N GLU A 328 -20.89 11.64 -11.51
CA GLU A 328 -21.72 12.50 -12.37
C GLU A 328 -21.72 12.05 -13.82
N PHE A 329 -20.94 11.03 -14.14
CA PHE A 329 -20.86 10.51 -15.51
C PHE A 329 -21.70 9.24 -15.66
N ASN A 330 -22.77 9.33 -16.44
CA ASN A 330 -23.67 8.21 -16.65
C ASN A 330 -23.27 7.42 -17.90
N LEU A 331 -22.92 6.16 -17.72
CA LEU A 331 -22.52 5.30 -18.82
C LEU A 331 -23.73 4.84 -19.63
N PHE A 332 -24.90 4.84 -19.00
CA PHE A 332 -26.12 4.37 -19.63
C PHE A 332 -27.06 5.52 -20.01
N SER A 333 -26.49 6.69 -20.28
CA SER A 333 -27.30 7.85 -20.65
C SER A 333 -27.97 7.63 -22.00
N SER A 334 -29.02 8.41 -22.26
CA SER A 334 -29.74 8.33 -23.52
C SER A 334 -28.85 8.71 -24.70
N ASN A 335 -27.87 9.57 -24.43
CA ASN A 335 -26.96 10.05 -25.46
C ASN A 335 -26.03 8.94 -25.93
N LEU A 336 -25.44 8.21 -24.99
CA LEU A 336 -24.48 7.16 -25.31
C LEU A 336 -25.16 5.93 -25.90
N ILE A 337 -26.15 5.40 -25.20
CA ILE A 337 -26.87 4.22 -25.65
C ILE A 337 -28.37 4.51 -25.71
N ASP A 338 -28.99 4.18 -26.84
CA ASP A 338 -30.42 4.44 -27.04
C ASP A 338 -31.28 3.41 -26.31
N LYS A 339 -32.44 3.86 -25.87
CA LYS A 339 -33.39 3.05 -25.09
C LYS A 339 -33.67 1.66 -25.67
N ARG A 340 -33.87 1.61 -26.98
CA ARG A 340 -34.22 0.37 -27.68
C ARG A 340 -33.23 -0.78 -27.40
N SER A 341 -31.95 -0.47 -27.48
CA SER A 341 -30.90 -1.46 -27.26
C SER A 341 -30.93 -2.00 -25.84
N LYS A 342 -31.10 -1.09 -24.87
CA LYS A 342 -31.17 -1.46 -23.46
C LYS A 342 -32.42 -2.31 -23.18
N GLU A 343 -33.51 -2.01 -23.88
CA GLU A 343 -34.72 -2.80 -23.76
C GLU A 343 -34.49 -4.22 -24.30
N PHE A 344 -33.78 -4.30 -25.42
CA PHE A 344 -33.45 -5.59 -26.02
C PHE A 344 -32.62 -6.44 -25.07
N LEU A 345 -31.52 -5.85 -24.57
CA LEU A 345 -30.65 -6.56 -23.64
C LEU A 345 -31.40 -6.97 -22.38
N THR A 346 -32.27 -6.10 -21.91
CA THR A 346 -33.08 -6.40 -20.73
C THR A 346 -33.97 -7.61 -20.97
N LYS A 347 -34.66 -7.63 -22.09
CA LYS A 347 -35.52 -8.76 -22.45
C LYS A 347 -34.72 -10.05 -22.55
N GLN A 348 -33.56 -9.99 -23.20
CA GLN A 348 -32.72 -11.17 -23.34
C GLN A 348 -32.27 -11.72 -21.99
N ILE A 349 -31.72 -10.85 -21.14
CA ILE A 349 -31.23 -11.28 -19.83
C ILE A 349 -32.38 -11.86 -19.00
N GLU A 350 -33.54 -11.20 -19.06
CA GLU A 350 -34.71 -11.67 -18.33
C GLU A 350 -35.13 -13.07 -18.79
N TYR A 351 -35.11 -13.28 -20.10
CA TYR A 351 -35.39 -14.59 -20.68
C TYR A 351 -34.41 -15.63 -20.13
N GLU A 352 -33.13 -15.28 -20.18
CA GLU A 352 -32.07 -16.18 -19.71
C GLU A 352 -32.30 -16.61 -18.27
N ARG A 353 -32.53 -15.62 -17.40
CA ARG A 353 -32.78 -15.90 -15.99
C ARG A 353 -34.04 -16.73 -15.79
N ASN A 354 -35.05 -16.47 -16.60
CA ASN A 354 -36.33 -17.19 -16.49
C ASN A 354 -36.23 -18.63 -16.98
N ASN A 355 -35.22 -18.92 -17.82
CA ASN A 355 -35.09 -20.27 -18.37
C ASN A 355 -33.78 -20.94 -17.94
N GLU A 356 -33.32 -20.62 -16.74
CA GLU A 356 -32.12 -21.23 -16.15
C GLU A 356 -30.88 -21.04 -17.03
N PHE A 357 -30.71 -19.83 -17.56
CA PHE A 357 -29.55 -19.44 -18.35
C PHE A 357 -29.04 -20.50 -19.32
N PRO A 358 -29.77 -20.75 -20.41
CA PRO A 358 -29.33 -21.71 -21.42
C PRO A 358 -28.13 -21.21 -22.24
N VAL A 359 -27.78 -19.94 -22.09
CA VAL A 359 -26.67 -19.38 -22.85
C VAL A 359 -25.34 -19.88 -22.31
N PHE A 360 -25.35 -20.40 -21.08
CA PHE A 360 -24.16 -20.97 -20.46
C PHE A 360 -23.93 -22.39 -21.00
N ASP A 361 -25.02 -23.11 -21.20
CA ASP A 361 -24.95 -24.48 -21.72
C ASP A 361 -24.46 -24.49 -23.17
N GLU A 362 -23.34 -25.14 -23.40
CA GLU A 362 -22.77 -25.25 -24.74
C GLU A 362 -22.30 -26.67 -25.02
N MET B 1 -9.89 -7.00 36.93
CA MET B 1 -10.09 -5.56 36.85
C MET B 1 -11.23 -5.18 35.91
N GLY B 2 -12.17 -4.40 36.43
CA GLY B 2 -13.31 -3.93 35.64
C GLY B 2 -12.88 -3.13 34.42
N ALA B 3 -13.66 -3.25 33.35
CA ALA B 3 -13.36 -2.56 32.10
C ALA B 3 -13.44 -1.04 32.25
N SER B 4 -14.37 -0.58 33.08
CA SER B 4 -14.55 0.85 33.30
C SER B 4 -13.46 1.43 34.20
N LYS B 5 -12.88 0.57 35.03
CA LYS B 5 -11.80 0.99 35.92
C LYS B 5 -10.56 1.29 35.09
N LEU B 6 -10.34 0.50 34.04
CA LEU B 6 -9.22 0.72 33.12
C LEU B 6 -9.51 1.85 32.14
N ARG B 7 -10.72 1.84 31.58
CA ARG B 7 -11.11 2.85 30.60
C ARG B 7 -11.22 4.23 31.26
N ALA B 8 -11.30 4.25 32.59
CA ALA B 8 -11.25 5.51 33.31
C ALA B 8 -9.82 6.06 33.25
N VAL B 9 -8.86 5.15 33.43
CA VAL B 9 -7.45 5.50 33.34
C VAL B 9 -7.10 5.96 31.93
N LEU B 10 -7.59 5.22 30.94
CA LEU B 10 -7.40 5.59 29.54
C LEU B 10 -8.06 6.93 29.25
N GLU B 11 -9.20 7.16 29.89
CA GLU B 11 -9.92 8.41 29.73
C GLU B 11 -9.14 9.61 30.27
N LYS B 12 -8.47 9.40 31.40
CA LYS B 12 -7.72 10.49 32.03
C LYS B 12 -6.34 10.69 31.38
N LEU B 13 -5.90 9.72 30.58
CA LEU B 13 -4.62 9.82 29.90
C LEU B 13 -4.70 10.66 28.63
N LYS B 14 -5.92 10.95 28.18
CA LYS B 14 -6.10 11.72 26.94
C LYS B 14 -5.63 13.15 27.13
N LEU B 15 -4.73 13.60 26.25
CA LEU B 15 -4.24 14.97 26.28
C LEU B 15 -4.93 15.83 25.22
N SER B 16 -5.27 17.06 25.60
CA SER B 16 -5.96 17.98 24.71
C SER B 16 -5.13 18.31 23.47
N ARG B 17 -5.76 18.95 22.49
CA ARG B 17 -5.10 19.28 21.23
C ARG B 17 -3.93 20.24 21.42
N ASP B 18 -4.07 21.18 22.35
CA ASP B 18 -3.03 22.18 22.60
C ASP B 18 -1.75 21.55 23.16
N ASP B 19 -1.93 20.57 24.05
CA ASP B 19 -0.80 19.90 24.69
C ASP B 19 0.06 19.16 23.67
N ILE B 20 -0.53 18.83 22.54
CA ILE B 20 0.19 18.15 21.47
C ILE B 20 0.73 19.16 20.47
N SER B 21 -0.07 20.17 20.18
CA SER B 21 0.27 21.18 19.18
C SER B 21 1.45 22.05 19.58
N THR B 22 1.47 22.52 20.83
CA THR B 22 2.52 23.42 21.27
C THR B 22 3.88 22.72 21.36
N ALA B 23 3.88 21.54 21.99
CA ALA B 23 5.12 20.77 22.13
C ALA B 23 5.61 20.28 20.78
N ALA B 24 4.68 19.81 19.95
CA ALA B 24 5.01 19.33 18.62
C ALA B 24 5.62 20.44 17.77
N GLY B 25 5.03 21.64 17.87
CA GLY B 25 5.54 22.80 17.18
C GLY B 25 6.92 23.20 17.65
N MET B 26 7.12 23.16 18.97
CA MET B 26 8.41 23.52 19.56
C MET B 26 9.49 22.52 19.20
N VAL B 27 9.10 21.27 18.97
CA VAL B 27 10.06 20.24 18.56
C VAL B 27 10.41 20.40 17.08
N LYS B 28 9.38 20.46 16.24
CA LYS B 28 9.56 20.59 14.80
C LYS B 28 10.33 21.86 14.46
N GLY B 29 10.16 22.89 15.28
CA GLY B 29 10.86 24.15 15.11
C GLY B 29 12.37 24.03 15.14
N VAL B 30 12.89 23.09 15.93
CA VAL B 30 14.33 22.87 16.01
C VAL B 30 14.73 21.74 15.07
N VAL B 31 13.79 20.82 14.83
CA VAL B 31 14.05 19.70 13.93
C VAL B 31 14.32 20.21 12.52
N ASP B 32 13.58 21.23 12.11
CA ASP B 32 13.77 21.81 10.78
C ASP B 32 15.13 22.53 10.69
N HIS B 33 15.51 23.19 11.77
CA HIS B 33 16.79 23.91 11.82
C HIS B 33 17.96 22.93 11.72
N LEU B 34 17.95 21.91 12.58
CA LEU B 34 18.98 20.89 12.58
C LEU B 34 19.02 20.17 11.24
N LEU B 35 17.84 19.92 10.68
CA LEU B 35 17.71 19.25 9.40
C LEU B 35 18.38 20.04 8.30
N LEU B 36 18.10 21.34 8.24
CA LEU B 36 18.68 22.20 7.20
C LEU B 36 20.18 22.43 7.40
N ARG B 37 20.61 22.53 8.65
CA ARG B 37 22.02 22.77 8.94
C ARG B 37 22.87 21.53 8.74
N LEU B 38 22.26 20.36 8.87
CA LEU B 38 22.95 19.10 8.61
C LEU B 38 23.25 18.93 7.13
N LYS B 39 22.49 19.64 6.29
CA LYS B 39 22.64 19.58 4.84
C LYS B 39 23.91 20.28 4.36
N CYS B 40 24.58 20.98 5.26
CA CYS B 40 25.80 21.70 4.91
C CYS B 40 27.02 20.78 4.94
N ASP B 41 26.82 19.51 4.58
CA ASP B 41 27.89 18.53 4.54
C ASP B 41 27.66 17.55 3.39
N SER B 42 28.75 17.08 2.79
CA SER B 42 28.68 16.16 1.66
C SER B 42 28.08 14.82 2.09
N ALA B 43 28.36 14.43 3.34
CA ALA B 43 27.87 13.16 3.87
C ALA B 43 26.38 13.24 4.20
N PHE B 44 26.02 14.14 5.10
CA PHE B 44 24.64 14.30 5.53
C PHE B 44 23.86 15.23 4.59
N ARG B 45 24.17 15.15 3.30
CA ARG B 45 23.50 15.98 2.30
C ARG B 45 22.09 15.49 2.06
N GLY B 46 21.95 14.20 1.74
CA GLY B 46 20.66 13.61 1.46
C GLY B 46 19.94 13.13 2.71
N VAL B 47 20.16 13.82 3.82
CA VAL B 47 19.49 13.49 5.08
C VAL B 47 18.01 13.79 4.94
N GLY B 48 17.19 13.14 5.76
CA GLY B 48 15.75 13.34 5.70
C GLY B 48 15.04 12.96 6.98
N LEU B 49 13.80 13.44 7.12
CA LEU B 49 13.00 13.10 8.29
C LEU B 49 12.16 11.86 8.02
N LEU B 50 12.27 10.87 8.89
CA LEU B 50 11.52 9.63 8.74
C LEU B 50 10.36 9.58 9.73
N ASN B 51 9.18 9.22 9.22
CA ASN B 51 7.99 9.15 10.06
C ASN B 51 7.92 7.79 10.77
N THR B 52 8.50 7.75 11.96
CA THR B 52 8.45 6.54 12.79
C THR B 52 7.34 6.64 13.83
N GLY B 53 6.26 7.31 13.46
CA GLY B 53 5.14 7.53 14.36
C GLY B 53 4.93 8.98 14.72
N ALA B 63 6.31 10.37 30.10
CA ALA B 63 5.93 11.77 30.08
C ALA B 63 5.70 12.26 28.65
N PRO B 64 4.67 13.09 28.45
CA PRO B 64 4.35 13.65 27.13
C PRO B 64 5.32 14.75 26.68
N ASN B 65 6.34 15.01 27.48
CA ASN B 65 7.35 16.01 27.14
C ASN B 65 8.57 15.34 26.52
N GLU B 66 8.43 14.07 26.17
CA GLU B 66 9.52 13.31 25.58
C GLU B 66 9.17 12.90 24.15
N PHE B 67 10.03 13.26 23.21
CA PHE B 67 9.80 12.95 21.81
C PHE B 67 10.89 12.03 21.24
N ASP B 68 10.65 11.53 20.04
CA ASP B 68 11.62 10.67 19.36
C ASP B 68 11.51 10.84 17.85
N VAL B 69 12.56 11.38 17.25
CA VAL B 69 12.58 11.61 15.81
C VAL B 69 13.72 10.81 15.18
N MET B 70 13.52 10.38 13.94
CA MET B 70 14.49 9.52 13.28
C MET B 70 14.94 10.13 11.95
N PHE B 71 16.26 10.23 11.78
CA PHE B 71 16.84 10.84 10.59
C PHE B 71 17.32 9.78 9.61
N LYS B 72 16.60 9.64 8.50
CA LYS B 72 16.97 8.67 7.48
C LYS B 72 18.06 9.21 6.56
N LEU B 73 18.96 8.33 6.13
CA LEU B 73 20.03 8.67 5.21
C LEU B 73 20.25 7.51 4.26
N GLU B 74 19.82 7.68 3.01
CA GLU B 74 19.83 6.57 2.06
C GLU B 74 21.24 6.21 1.62
N VAL B 75 21.50 4.91 1.55
CA VAL B 75 22.77 4.40 1.04
C VAL B 75 22.47 3.36 -0.05
N PRO B 76 23.10 3.51 -1.22
CA PRO B 76 22.79 2.69 -2.39
C PRO B 76 23.58 1.39 -2.49
N ARG B 77 22.87 0.28 -2.64
CA ARG B 77 23.46 -1.04 -2.85
C ARG B 77 24.55 -1.37 -1.85
N ILE B 78 24.21 -1.31 -0.57
CA ILE B 78 25.14 -1.63 0.50
C ILE B 78 25.24 -3.14 0.70
N GLN B 79 26.42 -3.60 1.09
CA GLN B 79 26.61 -5.02 1.41
C GLN B 79 26.77 -5.19 2.92
N LEU B 80 25.88 -5.98 3.51
CA LEU B 80 25.89 -6.20 4.94
C LEU B 80 26.66 -7.47 5.29
N GLU B 81 27.32 -7.47 6.44
CA GLU B 81 28.03 -8.65 6.92
C GLU B 81 27.67 -8.94 8.37
N GLU B 82 26.87 -9.98 8.58
CA GLU B 82 26.43 -10.35 9.93
C GLU B 82 27.61 -10.59 10.85
N TYR B 83 27.57 -9.96 12.02
CA TYR B 83 28.69 -10.03 12.96
C TYR B 83 28.48 -11.07 14.07
N SER B 84 29.46 -11.95 14.22
CA SER B 84 29.53 -12.90 15.33
C SER B 84 28.23 -13.69 15.56
N ASN B 85 27.53 -13.99 14.48
CA ASN B 85 26.26 -14.72 14.52
C ASN B 85 25.23 -14.03 15.41
N THR B 86 25.36 -12.72 15.56
CA THR B 86 24.33 -11.91 16.20
C THR B 86 23.39 -11.40 15.12
N ARG B 87 22.22 -12.04 15.02
CA ARG B 87 21.31 -11.84 13.90
C ARG B 87 20.88 -10.39 13.67
N ALA B 88 21.04 -9.55 14.68
CA ALA B 88 20.57 -8.17 14.60
C ALA B 88 21.66 -7.19 14.17
N TYR B 89 22.91 -7.48 14.54
CA TYR B 89 24.01 -6.55 14.29
C TYR B 89 24.79 -6.90 13.02
N TYR B 90 25.07 -5.88 12.21
CA TYR B 90 25.72 -6.07 10.93
C TYR B 90 26.85 -5.07 10.69
N PHE B 91 27.78 -5.44 9.81
CA PHE B 91 28.80 -4.53 9.32
C PHE B 91 28.35 -3.95 7.99
N VAL B 92 28.54 -2.64 7.82
CA VAL B 92 28.17 -1.98 6.58
C VAL B 92 29.40 -1.80 5.69
N LYS B 93 29.41 -2.53 4.58
CA LYS B 93 30.47 -2.40 3.59
C LYS B 93 29.87 -1.94 2.27
N PHE B 94 30.70 -1.42 1.38
CA PHE B 94 30.20 -0.98 0.08
C PHE B 94 30.72 -1.87 -1.05
N LYS B 95 29.80 -2.29 -1.92
CA LYS B 95 30.13 -3.08 -3.09
C LYS B 95 30.87 -2.23 -4.12
N ARG B 96 30.40 -1.01 -4.30
CA ARG B 96 30.96 -0.11 -5.31
C ARG B 96 32.13 0.70 -4.76
N ASN B 97 33.22 0.00 -4.47
CA ASN B 97 34.47 0.63 -4.04
C ASN B 97 35.12 1.55 -5.08
N PRO B 98 35.03 1.23 -6.39
CA PRO B 98 35.60 2.17 -7.36
C PRO B 98 35.00 3.57 -7.29
N LYS B 99 33.70 3.67 -7.07
CA LYS B 99 33.07 4.98 -6.91
C LYS B 99 33.50 5.62 -5.61
N GLU B 100 33.65 6.94 -5.61
CA GLU B 100 33.99 7.66 -4.39
C GLU B 100 32.71 7.90 -3.59
N ASN B 101 32.71 7.50 -2.33
CA ASN B 101 31.52 7.61 -1.50
C ASN B 101 31.57 8.90 -0.68
N PRO B 102 30.40 9.51 -0.45
CA PRO B 102 30.28 10.69 0.41
C PRO B 102 30.69 10.41 1.85
N LEU B 103 30.44 9.18 2.29
CA LEU B 103 30.75 8.77 3.66
C LEU B 103 32.16 8.18 3.78
N SER B 104 33.00 8.44 2.78
CA SER B 104 34.36 7.88 2.74
C SER B 104 35.20 8.32 3.93
N GLN B 105 34.92 9.51 4.44
CA GLN B 105 35.64 10.04 5.60
C GLN B 105 35.41 9.18 6.85
N PHE B 106 34.33 8.41 6.85
CA PHE B 106 33.98 7.57 7.99
C PHE B 106 34.33 6.11 7.76
N LEU B 107 34.97 5.83 6.62
CA LEU B 107 35.37 4.46 6.32
C LEU B 107 36.54 4.01 7.20
N GLU B 108 36.31 2.96 7.97
CA GLU B 108 37.34 2.38 8.82
C GLU B 108 38.03 1.26 8.06
N GLY B 109 38.38 1.54 6.80
CA GLY B 109 38.91 0.52 5.92
C GLY B 109 37.89 0.13 4.86
N GLU B 110 37.36 -1.08 4.98
CA GLU B 110 36.30 -1.54 4.11
C GLU B 110 34.95 -1.42 4.82
N ILE B 111 35.01 -1.34 6.15
CA ILE B 111 33.81 -1.24 6.98
C ILE B 111 33.51 0.22 7.33
N LEU B 112 32.25 0.61 7.18
CA LEU B 112 31.80 1.95 7.55
C LEU B 112 31.66 2.06 9.06
N SER B 113 32.47 2.94 9.65
CA SER B 113 32.48 3.11 11.10
C SER B 113 31.24 3.85 11.60
N ALA B 114 30.50 3.22 12.51
CA ALA B 114 29.31 3.83 13.09
C ALA B 114 29.69 4.91 14.10
N SER B 115 30.75 4.65 14.85
CA SER B 115 31.21 5.57 15.88
C SER B 115 31.63 6.92 15.29
N LYS B 116 32.28 6.89 14.13
CA LYS B 116 32.71 8.11 13.45
C LYS B 116 31.53 8.93 12.98
N MET B 117 30.58 8.28 12.31
CA MET B 117 29.36 8.95 11.84
C MET B 117 28.56 9.55 12.99
N LEU B 118 28.42 8.78 14.07
CA LEU B 118 27.69 9.23 15.25
C LEU B 118 28.40 10.41 15.90
N SER B 119 29.73 10.36 15.91
CA SER B 119 30.54 11.42 16.50
C SER B 119 30.43 12.72 15.70
N LYS B 120 30.53 12.60 14.39
CA LYS B 120 30.44 13.77 13.51
C LYS B 120 29.03 14.37 13.57
N PHE B 121 28.03 13.50 13.49
CA PHE B 121 26.62 13.88 13.58
C PHE B 121 26.34 14.66 14.87
N ARG B 122 26.72 14.04 15.99
CA ARG B 122 26.52 14.62 17.31
C ARG B 122 27.27 15.94 17.46
N LYS B 123 28.47 16.01 16.88
CA LYS B 123 29.27 17.22 16.95
C LYS B 123 28.64 18.34 16.13
N ILE B 124 28.08 17.99 14.98
CA ILE B 124 27.37 18.93 14.13
C ILE B 124 26.17 19.52 14.88
N ILE B 125 25.39 18.65 15.52
CA ILE B 125 24.26 19.13 16.31
C ILE B 125 24.72 20.03 17.46
N LYS B 126 25.77 19.59 18.14
CA LYS B 126 26.34 20.31 19.28
C LYS B 126 26.83 21.70 18.88
N GLU B 127 27.44 21.79 17.71
CA GLU B 127 27.91 23.05 17.18
C GLU B 127 26.71 23.88 16.69
N GLU B 128 25.65 23.17 16.30
CA GLU B 128 24.44 23.78 15.76
C GLU B 128 23.58 24.49 16.80
N ILE B 129 23.59 24.01 18.04
CA ILE B 129 22.80 24.66 19.09
C ILE B 129 23.29 26.10 19.33
N ASN B 130 24.52 26.39 18.90
CA ASN B 130 25.01 27.77 18.93
C ASN B 130 24.17 28.65 18.01
N ASP B 131 23.84 28.12 16.84
CA ASP B 131 23.15 28.88 15.80
C ASP B 131 21.64 29.00 16.00
N ILE B 132 21.08 28.23 16.93
CA ILE B 132 19.64 28.25 17.13
C ILE B 132 19.18 29.61 17.65
N LYS B 133 18.01 30.04 17.17
CA LYS B 133 17.45 31.32 17.57
C LYS B 133 16.07 31.14 18.19
N ASP B 134 15.66 32.13 18.97
CA ASP B 134 14.36 32.18 19.66
C ASP B 134 14.19 31.22 20.84
N THR B 135 14.90 30.09 20.85
CA THR B 135 14.73 29.14 21.95
C THR B 135 16.05 28.63 22.54
N ASP B 136 16.01 28.34 23.83
CA ASP B 136 17.16 27.82 24.58
C ASP B 136 17.16 26.29 24.63
N VAL B 137 18.16 25.67 24.00
CA VAL B 137 18.25 24.22 23.97
C VAL B 137 19.66 23.78 24.34
N ILE B 138 19.76 22.77 25.19
CA ILE B 138 21.07 22.20 25.54
C ILE B 138 21.12 20.75 25.10
N MET B 139 22.31 20.24 24.83
CA MET B 139 22.42 18.85 24.42
C MET B 139 22.70 17.98 25.63
N LYS B 140 21.82 16.99 25.86
CA LYS B 140 21.92 16.14 27.03
C LYS B 140 23.19 15.30 26.98
N ARG B 141 23.71 14.96 28.15
CA ARG B 141 24.96 14.22 28.25
C ARG B 141 24.84 12.85 27.58
N LYS B 142 25.96 12.35 27.08
CA LYS B 142 25.98 11.07 26.37
C LYS B 142 25.69 9.92 27.30
N ARG B 143 24.75 9.07 26.91
CA ARG B 143 24.36 7.92 27.72
C ARG B 143 25.22 6.71 27.38
N GLY B 144 25.05 5.63 28.15
CA GLY B 144 25.83 4.43 27.96
C GLY B 144 25.47 3.64 26.72
N GLY B 145 26.26 3.81 25.67
CA GLY B 145 26.07 3.08 24.43
C GLY B 145 24.75 3.32 23.72
N SER B 146 24.30 4.56 23.70
CA SER B 146 23.04 4.90 23.05
C SER B 146 23.28 5.50 21.67
N PRO B 147 22.59 4.97 20.65
CA PRO B 147 22.69 5.45 19.28
C PRO B 147 22.04 6.81 19.08
N ALA B 148 21.29 7.25 20.08
CA ALA B 148 20.55 8.50 19.99
C ALA B 148 21.34 9.70 20.48
N VAL B 149 20.87 10.89 20.11
CA VAL B 149 21.43 12.14 20.60
C VAL B 149 20.27 12.95 21.14
N THR B 150 20.21 13.09 22.45
CA THR B 150 19.08 13.74 23.10
C THR B 150 19.40 15.20 23.39
N LEU B 151 18.40 16.05 23.22
CA LEU B 151 18.53 17.46 23.58
C LEU B 151 17.30 17.95 24.31
N LEU B 152 17.52 18.90 25.21
CA LEU B 152 16.47 19.44 26.05
C LEU B 152 16.16 20.87 25.61
N ILE B 153 14.93 21.07 25.15
CA ILE B 153 14.44 22.33 24.67
C ILE B 153 13.68 23.04 25.78
N SER B 154 14.09 24.27 26.05
CA SER B 154 13.45 25.13 27.04
C SER B 154 13.28 24.45 28.40
N GLU B 155 14.26 23.61 28.74
CA GLU B 155 14.34 22.95 30.04
C GLU B 155 13.15 22.04 30.37
N LYS B 156 12.39 21.64 29.37
CA LYS B 156 11.26 20.75 29.64
C LYS B 156 11.04 19.69 28.55
N ILE B 157 11.35 20.01 27.30
CA ILE B 157 11.06 19.06 26.23
C ILE B 157 12.28 18.22 25.87
N SER B 158 12.14 16.90 25.89
CA SER B 158 13.24 16.02 25.53
C SER B 158 13.06 15.47 24.12
N VAL B 159 14.09 15.60 23.29
CA VAL B 159 14.04 15.10 21.93
C VAL B 159 15.21 14.16 21.67
N ASP B 160 14.90 12.92 21.28
CA ASP B 160 15.92 11.93 20.99
C ASP B 160 16.08 11.75 19.49
N ILE B 161 17.17 12.28 18.94
CA ILE B 161 17.41 12.19 17.50
C ILE B 161 18.26 10.98 17.17
N THR B 162 17.72 10.08 16.35
CA THR B 162 18.45 8.87 15.99
C THR B 162 18.71 8.82 14.49
N LEU B 163 19.99 8.77 14.12
CA LEU B 163 20.40 8.68 12.73
C LEU B 163 20.30 7.24 12.25
N ALA B 164 19.86 7.04 11.03
CA ALA B 164 19.70 5.69 10.50
C ALA B 164 19.94 5.63 9.00
N LEU B 165 20.66 4.60 8.57
CA LEU B 165 20.89 4.35 7.15
C LEU B 165 19.68 3.67 6.54
N GLU B 166 19.36 4.03 5.30
CA GLU B 166 18.21 3.43 4.61
C GLU B 166 18.68 2.46 3.53
N SER B 167 18.05 1.29 3.50
CA SER B 167 18.38 0.29 2.48
C SER B 167 17.11 -0.18 1.79
N LYS B 168 17.02 0.10 0.49
CA LYS B 168 15.86 -0.28 -0.31
C LYS B 168 15.96 -1.73 -0.79
N SER B 169 17.11 -2.35 -0.57
CA SER B 169 17.32 -3.74 -0.96
C SER B 169 16.48 -4.67 -0.10
N SER B 170 16.39 -5.93 -0.50
CA SER B 170 15.58 -6.91 0.21
C SER B 170 16.09 -7.11 1.64
N TRP B 171 15.17 -7.48 2.53
CA TRP B 171 15.50 -7.65 3.95
C TRP B 171 16.45 -8.83 4.15
N PRO B 172 17.37 -8.70 5.13
CA PRO B 172 18.33 -9.75 5.49
C PRO B 172 17.67 -11.10 5.80
N ALA B 173 18.45 -12.18 5.73
CA ALA B 173 17.93 -13.53 5.90
C ALA B 173 17.52 -13.85 7.34
N SER B 174 17.97 -13.02 8.29
CA SER B 174 17.61 -13.22 9.69
C SER B 174 16.16 -12.81 9.92
N THR B 175 15.63 -11.99 9.03
CA THR B 175 14.27 -11.50 9.14
C THR B 175 13.31 -12.37 8.35
N GLN B 176 13.85 -13.42 7.73
CA GLN B 176 13.07 -14.30 6.86
C GLN B 176 11.87 -14.91 7.55
N GLU B 177 12.10 -15.56 8.69
CA GLU B 177 11.03 -16.25 9.41
C GLU B 177 10.35 -15.33 10.42
N GLY B 178 10.61 -14.04 10.31
CA GLY B 178 9.99 -13.07 11.21
C GLY B 178 8.72 -12.48 10.63
N LEU B 179 8.12 -11.55 11.37
CA LEU B 179 6.91 -10.85 10.95
C LEU B 179 5.80 -11.84 10.58
N ARG B 180 5.48 -12.74 11.50
CA ARG B 180 4.45 -13.75 11.27
C ARG B 180 3.05 -13.15 11.37
N ILE B 181 2.66 -12.36 10.39
CA ILE B 181 1.38 -11.69 10.39
C ILE B 181 0.42 -12.30 9.36
N GLN B 182 0.78 -13.46 8.84
CA GLN B 182 0.01 -14.12 7.79
C GLN B 182 -1.43 -14.42 8.23
N ASN B 183 -1.59 -14.93 9.45
CA ASN B 183 -2.92 -15.26 9.96
C ASN B 183 -3.63 -14.02 10.47
N TRP B 184 -2.87 -12.95 10.68
CA TRP B 184 -3.39 -11.73 11.27
C TRP B 184 -3.75 -10.69 10.21
N LEU B 185 -2.75 -10.21 9.49
CA LEU B 185 -2.94 -9.15 8.51
C LEU B 185 -2.80 -9.63 7.08
N SER B 186 -2.77 -10.96 6.91
CA SER B 186 -2.67 -11.65 5.61
C SER B 186 -1.24 -11.66 5.07
N ALA B 187 -0.91 -12.72 4.33
CA ALA B 187 0.42 -12.88 3.74
C ALA B 187 0.64 -11.86 2.64
N LYS B 188 -0.45 -11.33 2.09
CA LYS B 188 -0.40 -10.30 1.07
C LYS B 188 0.24 -9.03 1.62
N VAL B 189 -0.22 -8.62 2.80
CA VAL B 189 0.29 -7.43 3.47
C VAL B 189 1.74 -7.64 3.89
N ARG B 190 2.07 -8.86 4.30
CA ARG B 190 3.45 -9.19 4.65
C ARG B 190 4.35 -9.05 3.41
N LYS B 191 3.86 -9.57 2.29
CA LYS B 191 4.56 -9.47 1.01
C LYS B 191 4.82 -8.01 0.67
N GLN B 192 3.78 -7.18 0.79
CA GLN B 192 3.88 -5.77 0.41
C GLN B 192 4.76 -4.99 1.39
N LEU B 193 4.81 -5.45 2.64
CA LEU B 193 5.58 -4.79 3.68
C LEU B 193 7.08 -5.10 3.58
N ARG B 194 7.40 -6.34 3.24
CA ARG B 194 8.81 -6.74 3.13
C ARG B 194 9.49 -6.13 1.90
N LEU B 195 8.69 -5.55 1.00
CA LEU B 195 9.23 -4.84 -0.15
C LEU B 195 9.72 -3.46 0.25
N LYS B 196 9.21 -2.95 1.36
CA LYS B 196 9.61 -1.66 1.89
C LYS B 196 11.07 -1.68 2.35
N PRO B 197 11.73 -0.52 2.36
CA PRO B 197 13.13 -0.47 2.81
C PRO B 197 13.28 -0.76 4.30
N PHE B 198 14.48 -1.15 4.72
CA PHE B 198 14.76 -1.36 6.14
C PHE B 198 15.86 -0.41 6.57
N TYR B 199 16.03 -0.21 7.87
CA TYR B 199 16.97 0.80 8.33
C TYR B 199 18.06 0.25 9.23
N LEU B 200 19.07 1.07 9.49
CA LEU B 200 20.21 0.66 10.31
C LEU B 200 20.59 1.77 11.29
N VAL B 201 20.69 1.42 12.57
CA VAL B 201 21.04 2.39 13.59
C VAL B 201 22.44 2.10 14.12
N PRO B 202 23.18 3.15 14.51
CA PRO B 202 24.55 2.97 14.99
C PRO B 202 24.59 2.43 16.41
N LYS B 203 24.45 1.12 16.55
CA LYS B 203 24.49 0.49 17.85
C LYS B 203 25.53 -0.62 17.85
N HIS B 204 26.42 -0.58 18.84
CA HIS B 204 27.50 -1.56 18.94
C HIS B 204 27.04 -2.83 19.63
N ALA B 205 27.67 -3.94 19.26
CA ALA B 205 27.33 -5.25 19.83
C ALA B 205 28.31 -5.62 20.94
N LYS B 206 27.87 -6.49 21.84
CA LYS B 206 28.69 -6.90 22.97
C LYS B 206 29.72 -7.97 22.60
N GLU B 207 30.94 -7.53 22.35
CA GLU B 207 32.07 -8.44 22.11
C GLU B 207 32.78 -8.73 23.42
N GLY B 208 32.36 -9.80 24.09
CA GLY B 208 32.87 -10.13 25.40
C GLY B 208 32.51 -9.05 26.41
N ASN B 209 33.53 -8.35 26.91
CA ASN B 209 33.30 -7.20 27.79
C ASN B 209 33.32 -5.92 26.97
N GLY B 210 34.04 -5.95 25.85
CA GLY B 210 34.13 -4.81 24.96
C GLY B 210 32.94 -4.68 24.05
N PHE B 211 32.93 -3.65 23.21
CA PHE B 211 31.84 -3.42 22.27
C PHE B 211 32.40 -3.16 20.87
N GLN B 212 31.73 -3.69 19.86
CA GLN B 212 32.12 -3.47 18.47
C GLN B 212 31.47 -2.20 17.93
N GLU B 213 32.16 -1.08 18.06
CA GLU B 213 31.58 0.23 17.78
C GLU B 213 31.29 0.48 16.31
N GLU B 214 31.78 -0.40 15.44
CA GLU B 214 31.61 -0.19 14.01
C GLU B 214 30.58 -1.15 13.41
N THR B 215 29.62 -1.56 14.22
CA THR B 215 28.53 -2.41 13.73
C THR B 215 27.21 -1.65 13.80
N TRP B 216 26.23 -2.10 13.03
CA TRP B 216 24.92 -1.45 12.99
C TRP B 216 23.81 -2.44 13.31
N ARG B 217 22.72 -1.96 13.89
CA ARG B 217 21.59 -2.84 14.21
C ARG B 217 20.39 -2.54 13.32
N LEU B 218 19.68 -3.60 12.93
CA LEU B 218 18.50 -3.48 12.07
C LEU B 218 17.35 -2.75 12.75
N SER B 219 16.61 -1.96 11.96
CA SER B 219 15.50 -1.18 12.45
C SER B 219 14.31 -1.21 11.50
N PHE B 220 13.14 -1.53 12.05
CA PHE B 220 11.89 -1.59 11.30
C PHE B 220 10.82 -0.75 11.98
N SER B 221 11.20 0.40 12.50
CA SER B 221 10.27 1.27 13.23
C SER B 221 9.10 1.70 12.38
N HIS B 222 9.36 1.95 11.10
CA HIS B 222 8.33 2.35 10.16
C HIS B 222 7.29 1.25 9.97
N ILE B 223 7.75 0.00 9.96
CA ILE B 223 6.87 -1.14 9.82
C ILE B 223 6.02 -1.29 11.08
N GLU B 224 6.63 -1.00 12.23
CA GLU B 224 5.92 -1.02 13.50
C GLU B 224 4.78 0.00 13.48
N LYS B 225 5.09 1.21 13.01
CA LYS B 225 4.06 2.24 12.86
C LYS B 225 2.96 1.76 11.91
N GLU B 226 3.37 1.13 10.82
CA GLU B 226 2.46 0.63 9.80
C GLU B 226 1.45 -0.36 10.39
N ILE B 227 1.97 -1.39 11.04
CA ILE B 227 1.14 -2.43 11.65
C ILE B 227 0.32 -1.85 12.79
N LEU B 228 0.81 -0.79 13.41
CA LEU B 228 0.14 -0.21 14.55
C LEU B 228 -1.09 0.62 14.15
N ASN B 229 -0.94 1.42 13.10
CA ASN B 229 -2.05 2.26 12.65
C ASN B 229 -3.09 1.48 11.84
N ASN B 230 -2.68 0.33 11.30
CA ASN B 230 -3.60 -0.55 10.59
C ASN B 230 -3.47 -1.95 11.20
N HIS B 231 -4.25 -2.22 12.23
CA HIS B 231 -3.98 -3.34 13.13
C HIS B 231 -4.99 -4.49 13.06
N GLY B 232 -6.15 -4.25 12.47
CA GLY B 232 -7.21 -5.24 12.47
C GLY B 232 -7.17 -6.22 11.31
N LYS B 233 -7.84 -7.36 11.49
CA LYS B 233 -8.02 -8.30 10.39
C LYS B 233 -9.02 -7.72 9.41
N SER B 234 -10.06 -7.10 9.94
CA SER B 234 -11.00 -6.36 9.12
C SER B 234 -10.39 -5.01 8.75
N LYS B 235 -10.57 -4.60 7.50
CA LYS B 235 -10.00 -3.34 7.03
C LYS B 235 -10.70 -2.15 7.67
N THR B 236 -11.97 -2.32 8.04
CA THR B 236 -12.74 -1.26 8.64
C THR B 236 -12.69 -1.32 10.17
N CYS B 237 -11.67 -1.99 10.69
CA CYS B 237 -11.49 -2.11 12.13
C CYS B 237 -11.28 -0.74 12.77
N CYS B 238 -12.05 -0.46 13.83
CA CYS B 238 -12.00 0.80 14.57
C CYS B 238 -12.42 2.01 13.74
N GLU B 239 -13.02 1.77 12.59
CA GLU B 239 -13.53 2.86 11.76
C GLU B 239 -15.02 3.09 12.00
N ASN B 240 -15.70 2.06 12.50
CA ASN B 240 -17.12 2.18 12.81
C ASN B 240 -17.43 1.67 14.21
N LYS B 241 -18.64 1.92 14.67
CA LYS B 241 -19.06 1.58 16.04
C LYS B 241 -19.04 0.07 16.31
N GLU B 242 -19.51 -0.71 15.35
CA GLU B 242 -19.66 -2.16 15.54
C GLU B 242 -18.35 -2.92 15.40
N GLU B 243 -17.26 -2.21 15.08
CA GLU B 243 -15.98 -2.86 14.87
C GLU B 243 -14.88 -2.25 15.74
N LYS B 244 -15.25 -1.66 16.86
CA LYS B 244 -14.30 -1.08 17.80
C LYS B 244 -13.59 -2.18 18.60
N CYS B 245 -12.25 -2.15 18.58
CA CYS B 245 -11.46 -3.13 19.30
C CYS B 245 -10.62 -2.44 20.37
N CYS B 246 -9.80 -3.21 21.08
CA CYS B 246 -9.03 -2.66 22.20
C CYS B 246 -7.54 -3.00 22.14
N ARG B 247 -7.00 -3.17 20.93
CA ARG B 247 -5.58 -3.47 20.77
C ARG B 247 -4.70 -2.30 21.24
N LYS B 248 -4.92 -1.14 20.63
CA LYS B 248 -4.16 0.06 20.96
C LYS B 248 -4.30 0.43 22.44
N ASP B 249 -5.47 0.18 23.01
CA ASP B 249 -5.71 0.48 24.41
C ASP B 249 -4.91 -0.45 25.31
N CYS B 250 -4.82 -1.72 24.92
CA CYS B 250 -4.00 -2.68 25.65
C CYS B 250 -2.54 -2.25 25.60
N LEU B 251 -2.09 -1.81 24.43
CA LEU B 251 -0.72 -1.36 24.28
C LEU B 251 -0.43 -0.12 25.13
N LYS B 252 -1.35 0.84 25.12
CA LYS B 252 -1.25 2.04 25.94
C LYS B 252 -1.17 1.69 27.43
N LEU B 253 -2.04 0.78 27.87
CA LEU B 253 -2.08 0.36 29.26
C LEU B 253 -0.76 -0.30 29.68
N MET B 254 -0.25 -1.19 28.83
CA MET B 254 1.03 -1.85 29.09
C MET B 254 2.17 -0.84 29.22
N LYS B 255 2.28 0.02 28.20
CA LYS B 255 3.32 1.04 28.16
C LYS B 255 3.27 1.95 29.38
N TYR B 256 2.05 2.31 29.78
CA TYR B 256 1.85 3.19 30.92
C TYR B 256 2.21 2.48 32.24
N LEU B 257 1.89 1.20 32.33
CA LEU B 257 2.26 0.42 33.51
C LEU B 257 3.78 0.36 33.66
N LEU B 258 4.45 0.02 32.57
CA LEU B 258 5.91 -0.06 32.58
C LEU B 258 6.53 1.30 32.91
N GLU B 259 5.94 2.36 32.36
CA GLU B 259 6.41 3.72 32.61
C GLU B 259 6.28 4.09 34.07
N GLN B 260 5.10 3.86 34.64
CA GLN B 260 4.84 4.16 36.04
C GLN B 260 5.77 3.38 36.96
N LEU B 261 6.03 2.12 36.62
CA LEU B 261 6.97 1.33 37.41
C LEU B 261 8.40 1.86 37.30
N LYS B 262 8.79 2.25 36.09
CA LYS B 262 10.13 2.78 35.84
C LYS B 262 10.36 4.09 36.60
N GLU B 263 9.32 4.91 36.69
CA GLU B 263 9.42 6.20 37.37
C GLU B 263 9.36 6.01 38.88
N ARG B 264 8.57 5.04 39.32
CA ARG B 264 8.41 4.76 40.73
C ARG B 264 9.74 4.29 41.33
N PHE B 265 10.48 3.50 40.55
CA PHE B 265 11.78 3.00 40.97
C PHE B 265 12.91 3.66 40.20
N LYS B 266 12.79 4.97 40.00
CA LYS B 266 13.81 5.74 39.30
C LYS B 266 15.12 5.76 40.08
N ASP B 267 15.02 5.75 41.41
CA ASP B 267 16.20 5.78 42.26
C ASP B 267 17.01 4.50 42.11
N LYS B 268 16.32 3.38 41.89
CA LYS B 268 16.98 2.11 41.67
C LYS B 268 17.49 2.00 40.23
N LYS B 269 18.18 0.91 39.93
CA LYS B 269 18.76 0.71 38.61
C LYS B 269 18.24 -0.58 37.96
N HIS B 270 17.26 -1.20 38.60
CA HIS B 270 16.75 -2.49 38.15
C HIS B 270 15.97 -2.43 36.83
N LEU B 271 15.15 -1.40 36.67
CA LEU B 271 14.24 -1.34 35.53
C LEU B 271 14.72 -0.38 34.44
N ASP B 272 15.98 0.05 34.53
CA ASP B 272 16.53 1.00 33.57
C ASP B 272 16.72 0.36 32.19
N LYS B 273 16.92 -0.94 32.16
CA LYS B 273 17.15 -1.64 30.89
C LYS B 273 15.86 -1.98 30.18
N PHE B 274 14.74 -1.95 30.91
CA PHE B 274 13.45 -2.23 30.32
C PHE B 274 12.90 -0.99 29.61
N SER B 275 12.43 -1.17 28.38
CA SER B 275 11.92 -0.07 27.58
C SER B 275 10.57 -0.42 26.96
N SER B 276 9.93 0.56 26.33
CA SER B 276 8.62 0.38 25.73
C SER B 276 8.67 -0.58 24.53
N TYR B 277 9.88 -0.80 24.00
CA TYR B 277 10.04 -1.67 22.85
C TYR B 277 9.79 -3.13 23.18
N HIS B 278 10.15 -3.54 24.39
CA HIS B 278 9.88 -4.90 24.83
C HIS B 278 8.37 -5.13 24.93
N VAL B 279 7.69 -4.12 25.46
CA VAL B 279 6.23 -4.14 25.59
C VAL B 279 5.58 -4.22 24.21
N LYS B 280 6.06 -3.40 23.30
CA LYS B 280 5.59 -3.38 21.92
C LYS B 280 5.74 -4.76 21.27
N THR B 281 6.93 -5.32 21.39
CA THR B 281 7.27 -6.63 20.84
C THR B 281 6.33 -7.71 21.37
N ALA B 282 6.20 -7.77 22.70
CA ALA B 282 5.33 -8.72 23.36
C ALA B 282 3.89 -8.57 22.84
N PHE B 283 3.45 -7.33 22.74
CA PHE B 283 2.10 -7.03 22.24
C PHE B 283 1.90 -7.58 20.83
N PHE B 284 2.91 -7.41 19.99
CA PHE B 284 2.84 -7.94 18.63
C PHE B 284 2.76 -9.46 18.64
N HIS B 285 3.51 -10.10 19.54
CA HIS B 285 3.45 -11.54 19.67
C HIS B 285 2.05 -12.00 20.09
N VAL B 286 1.41 -11.24 20.99
CA VAL B 286 0.07 -11.58 21.44
C VAL B 286 -0.92 -11.37 20.30
N CYS B 287 -0.67 -10.36 19.47
CA CYS B 287 -1.49 -10.11 18.29
C CYS B 287 -1.40 -11.28 17.31
N THR B 288 -0.21 -11.83 17.16
CA THR B 288 -0.03 -13.02 16.34
C THR B 288 -0.80 -14.19 16.94
N GLN B 289 -0.72 -14.33 18.27
CA GLN B 289 -1.43 -15.39 18.98
C GLN B 289 -2.95 -15.23 18.87
N ASN B 290 -3.43 -13.99 18.90
CA ASN B 290 -4.87 -13.74 18.82
C ASN B 290 -5.19 -12.82 17.63
N PRO B 291 -5.31 -13.40 16.42
CA PRO B 291 -5.45 -12.66 15.17
C PRO B 291 -6.85 -12.14 14.88
N GLN B 292 -7.87 -12.73 15.49
CA GLN B 292 -9.25 -12.34 15.23
C GLN B 292 -9.61 -11.05 15.94
N ASP B 293 -10.35 -10.18 15.26
CA ASP B 293 -10.82 -8.93 15.86
C ASP B 293 -11.80 -9.24 16.98
N SER B 294 -12.50 -10.36 16.87
CA SER B 294 -13.44 -10.80 17.90
C SER B 294 -12.71 -11.13 19.19
N GLN B 295 -11.45 -11.53 19.07
CA GLN B 295 -10.61 -11.82 20.25
C GLN B 295 -10.15 -10.52 20.91
N TRP B 296 -10.45 -9.39 20.27
CA TRP B 296 -10.08 -8.09 20.80
C TRP B 296 -11.30 -7.19 20.93
N ASP B 297 -12.42 -7.78 21.34
CA ASP B 297 -13.64 -7.01 21.56
C ASP B 297 -13.45 -6.00 22.67
N ARG B 298 -14.09 -4.83 22.53
CA ARG B 298 -13.95 -3.75 23.48
C ARG B 298 -14.43 -4.16 24.88
N LYS B 299 -15.55 -4.87 24.91
CA LYS B 299 -16.15 -5.30 26.16
C LYS B 299 -15.28 -6.33 26.88
N ASP B 300 -14.27 -6.84 26.18
CA ASP B 300 -13.36 -7.82 26.75
C ASP B 300 -12.05 -7.18 27.21
N LEU B 301 -11.99 -5.84 27.14
CA LEU B 301 -10.77 -5.08 27.42
C LEU B 301 -9.93 -5.64 28.56
N GLY B 302 -10.50 -5.61 29.77
CA GLY B 302 -9.84 -6.13 30.95
C GLY B 302 -9.20 -7.49 30.72
N LEU B 303 -10.03 -8.45 30.31
CA LEU B 303 -9.55 -9.81 30.02
C LEU B 303 -8.38 -9.74 29.05
N CYS B 304 -8.59 -9.03 27.94
CA CYS B 304 -7.55 -8.88 26.93
C CYS B 304 -6.28 -8.35 27.57
N PHE B 305 -6.43 -7.30 28.38
CA PHE B 305 -5.28 -6.67 29.03
C PHE B 305 -4.55 -7.69 29.88
N ASP B 306 -5.32 -8.53 30.58
CA ASP B 306 -4.74 -9.54 31.44
C ASP B 306 -3.87 -10.47 30.61
N ASN B 307 -4.37 -10.84 29.43
CA ASN B 307 -3.65 -11.73 28.54
C ASN B 307 -2.31 -11.11 28.15
N CYS B 308 -2.30 -9.78 28.01
CA CYS B 308 -1.09 -9.08 27.63
C CYS B 308 -0.11 -9.03 28.80
N VAL B 309 -0.64 -8.98 30.02
CA VAL B 309 0.20 -8.93 31.20
C VAL B 309 0.88 -10.29 31.39
N THR B 310 0.07 -11.32 31.53
CA THR B 310 0.53 -12.69 31.75
C THR B 310 1.67 -13.08 30.80
N TYR B 311 1.41 -12.95 29.50
CA TYR B 311 2.42 -13.27 28.49
C TYR B 311 3.72 -12.54 28.75
N PHE B 312 3.63 -11.23 29.01
CA PHE B 312 4.81 -10.44 29.29
C PHE B 312 5.53 -11.06 30.47
N LEU B 313 4.77 -11.37 31.52
CA LEU B 313 5.29 -12.01 32.72
C LEU B 313 6.00 -13.31 32.33
N GLN B 314 5.37 -14.08 31.44
CA GLN B 314 5.94 -15.33 30.96
C GLN B 314 7.32 -15.07 30.35
N CYS B 315 7.40 -14.01 29.55
CA CYS B 315 8.64 -13.65 28.88
C CYS B 315 9.72 -13.30 29.91
N LEU B 316 9.30 -12.75 31.05
CA LEU B 316 10.23 -12.44 32.12
C LEU B 316 10.65 -13.72 32.83
N ARG B 317 9.72 -14.68 32.91
CA ARG B 317 9.97 -15.91 33.63
C ARG B 317 10.91 -16.83 32.86
N THR B 318 10.70 -16.91 31.55
CA THR B 318 11.46 -17.81 30.70
C THR B 318 12.67 -17.12 30.08
N GLU B 319 12.80 -15.82 30.36
CA GLU B 319 13.89 -15.00 29.82
C GLU B 319 13.93 -15.09 28.30
N LYS B 320 12.75 -15.10 27.67
CA LYS B 320 12.66 -15.20 26.22
C LYS B 320 11.65 -14.21 25.63
N LEU B 321 12.16 -13.31 24.79
CA LEU B 321 11.32 -12.39 24.04
C LEU B 321 11.94 -12.11 22.69
N GLU B 322 11.53 -12.89 21.69
CA GLU B 322 12.10 -12.80 20.35
C GLU B 322 11.74 -11.50 19.66
N ASN B 323 12.70 -10.91 18.98
CA ASN B 323 12.44 -9.73 18.15
C ASN B 323 11.41 -10.09 17.10
N TYR B 324 10.35 -9.28 17.02
CA TYR B 324 9.19 -9.59 16.19
C TYR B 324 9.55 -9.75 14.70
N PHE B 325 10.65 -9.13 14.29
CA PHE B 325 11.09 -9.23 12.90
C PHE B 325 12.24 -10.23 12.78
N ILE B 326 13.02 -10.36 13.86
CA ILE B 326 14.16 -11.27 13.88
C ILE B 326 13.97 -12.29 15.01
N PRO B 327 13.36 -13.43 14.69
CA PRO B 327 13.01 -14.48 15.68
C PRO B 327 14.19 -15.00 16.50
N GLU B 328 15.35 -15.20 15.87
CA GLU B 328 16.50 -15.77 16.56
C GLU B 328 17.18 -14.78 17.49
N PHE B 329 16.69 -13.54 17.51
CA PHE B 329 17.24 -12.51 18.39
C PHE B 329 16.38 -12.35 19.64
N ASN B 330 16.93 -12.73 20.79
CA ASN B 330 16.22 -12.66 22.06
C ASN B 330 16.53 -11.35 22.77
N LEU B 331 15.49 -10.54 22.98
CA LEU B 331 15.64 -9.26 23.68
C LEU B 331 15.83 -9.46 25.19
N PHE B 332 15.37 -10.61 25.70
CA PHE B 332 15.42 -10.88 27.13
C PHE B 332 16.48 -11.92 27.50
N SER B 333 17.55 -11.98 26.73
CA SER B 333 18.64 -12.92 27.02
C SER B 333 19.35 -12.53 28.31
N SER B 334 20.09 -13.47 28.89
CA SER B 334 20.83 -13.23 30.13
C SER B 334 21.90 -12.17 29.95
N ASN B 335 22.42 -12.05 28.72
CA ASN B 335 23.48 -11.09 28.43
C ASN B 335 22.97 -9.65 28.48
N LEU B 336 21.83 -9.39 27.85
CA LEU B 336 21.27 -8.05 27.79
C LEU B 336 20.68 -7.66 29.14
N ILE B 337 19.80 -8.50 29.67
CA ILE B 337 19.16 -8.23 30.95
C ILE B 337 19.39 -9.41 31.90
N ASP B 338 19.87 -9.10 33.09
CA ASP B 338 20.17 -10.13 34.09
C ASP B 338 18.90 -10.62 34.79
N LYS B 339 18.91 -11.89 35.17
CA LYS B 339 17.77 -12.55 35.81
C LYS B 339 17.16 -11.73 36.95
N ARG B 340 18.03 -11.17 37.79
CA ARG B 340 17.63 -10.41 38.96
C ARG B 340 16.65 -9.27 38.65
N SER B 341 16.97 -8.49 37.62
CA SER B 341 16.14 -7.36 37.22
C SER B 341 14.77 -7.80 36.73
N LYS B 342 14.75 -8.87 35.93
CA LYS B 342 13.50 -9.42 35.41
C LYS B 342 12.64 -10.00 36.54
N GLU B 343 13.30 -10.55 37.56
CA GLU B 343 12.59 -11.04 38.74
C GLU B 343 11.97 -9.87 39.50
N PHE B 344 12.71 -8.77 39.60
CA PHE B 344 12.23 -7.56 40.26
C PHE B 344 10.97 -7.05 39.55
N LEU B 345 11.08 -6.90 38.23
CA LEU B 345 9.97 -6.43 37.41
C LEU B 345 8.78 -7.38 37.52
N THR B 346 9.06 -8.67 37.58
CA THR B 346 8.02 -9.69 37.74
C THR B 346 7.27 -9.47 39.05
N LYS B 347 8.02 -9.25 40.13
CA LYS B 347 7.43 -9.00 41.44
C LYS B 347 6.51 -7.78 41.37
N GLN B 348 7.02 -6.73 40.73
CA GLN B 348 6.26 -5.48 40.62
C GLN B 348 4.95 -5.64 39.85
N ILE B 349 5.04 -6.20 38.64
CA ILE B 349 3.88 -6.37 37.79
C ILE B 349 2.86 -7.32 38.42
N GLU B 350 3.35 -8.41 39.00
CA GLU B 350 2.47 -9.38 39.65
C GLU B 350 1.74 -8.74 40.81
N TYR B 351 2.45 -7.94 41.60
CA TYR B 351 1.84 -7.19 42.69
C TYR B 351 0.73 -6.29 42.15
N GLU B 352 1.04 -5.53 41.10
CA GLU B 352 0.08 -4.61 40.50
C GLU B 352 -1.19 -5.32 40.04
N ARG B 353 -1.03 -6.40 39.29
CA ARG B 353 -2.18 -7.16 38.80
C ARG B 353 -2.99 -7.74 39.95
N ASN B 354 -2.31 -8.19 40.99
CA ASN B 354 -2.98 -8.81 42.13
C ASN B 354 -3.73 -7.80 43.00
N ASN B 355 -3.36 -6.53 42.93
CA ASN B 355 -3.98 -5.50 43.77
C ASN B 355 -4.71 -4.42 42.99
N GLU B 356 -5.28 -4.79 41.85
CA GLU B 356 -6.08 -3.88 41.02
C GLU B 356 -5.30 -2.64 40.60
N PHE B 357 -4.04 -2.84 40.20
CA PHE B 357 -3.16 -1.79 39.67
C PHE B 357 -3.24 -0.43 40.37
N PRO B 358 -2.70 -0.34 41.59
CA PRO B 358 -2.64 0.95 42.31
C PRO B 358 -1.62 1.92 41.73
N VAL B 359 -0.78 1.46 40.82
CA VAL B 359 0.27 2.30 40.23
C VAL B 359 -0.32 3.27 39.22
N PHE B 360 -1.54 3.01 38.78
CA PHE B 360 -2.21 3.89 37.85
C PHE B 360 -2.75 5.11 38.58
N ASP B 361 -3.27 4.89 39.78
CA ASP B 361 -3.78 5.97 40.63
C ASP B 361 -2.63 6.85 41.09
N GLU B 362 -1.64 6.23 41.72
CA GLU B 362 -0.47 6.95 42.22
C GLU B 362 0.82 6.20 41.88
ZN ZN C . -12.65 -13.16 -1.50
C11 9B7 D . -15.41 1.63 -21.82
C13 9B7 D . -15.59 0.41 -23.72
C14 9B7 D . -14.92 -0.70 -24.50
O17 9B7 D . -12.01 -2.70 -22.90
C19 9B7 D . -14.78 1.86 -23.96
O22 9B7 D . -12.44 2.00 -26.05
C23 9B7 D . -12.38 0.80 -26.83
C24 9B7 D . -11.17 -0.01 -26.39
C25 9B7 D . -11.39 -0.59 -25.25
C27 9B7 D . -9.98 -0.93 -24.82
C29 9B7 D . -9.25 0.42 -25.10
C31 9B7 D . -8.76 1.00 -22.69
C35 9B7 D . -8.60 2.03 -20.39
C37 9B7 D . -9.12 2.03 -21.84
C39 9B7 D . -10.03 2.40 -23.76
O01 9B7 D . -11.44 3.10 -17.83
C02 9B7 D . -12.46 3.34 -18.38
N03 9B7 D . -13.23 4.50 -18.00
C04 9B7 D . -14.48 4.78 -18.67
N05 9B7 D . -14.97 3.89 -19.71
C06 9B7 D . -14.19 2.69 -20.11
C07 9B7 D . -12.99 2.41 -19.47
N08 9B7 D . -12.51 1.29 -20.03
C09 9B7 D . -13.35 0.88 -20.95
N10 9B7 D . -14.39 1.72 -21.02
O12 9B7 D . -15.49 0.21 -22.46
O15 9B7 D . -14.32 -1.57 -23.57
P16 9B7 D . -12.97 -2.42 -24.04
O18 9B7 D . -13.49 -3.78 -24.44
O20 9B7 D . -15.09 2.41 -25.27
P21 9B7 D . -13.80 2.95 -26.19
O26 9B7 D . -12.22 -1.84 -25.41
O28 9B7 D . -9.47 -1.91 -25.59
N30 9B7 D . -9.35 1.27 -23.87
N32 9B7 D . -7.89 -0.11 -22.21
C33 9B7 D . -7.40 -0.11 -20.83
N34 9B7 D . -7.77 0.96 -19.92
O36 9B7 D . -8.90 2.91 -19.66
N38 9B7 D . -9.90 2.87 -22.53
O40 9B7 D . -9.89 0.96 -26.08
O41 9B7 D . -14.18 3.28 -27.62
O42 9B7 D . -13.42 4.26 -25.57
C43 9B7 D . -15.24 2.60 -23.04
O44 9B7 D . -16.57 3.16 -23.45
ZN ZN E . -9.08 -1.98 15.78
C11 9B7 F . 10.33 1.77 51.82
C13 9B7 F . 12.48 1.10 52.07
C14 9B7 F . 13.16 -0.22 51.80
O17 9B7 F . 11.99 -2.60 53.12
C19 9B7 F . 11.60 1.02 53.50
O22 9B7 F . 12.57 0.41 56.38
C23 9B7 F . 12.03 -0.28 57.49
C24 9B7 F . 12.23 -1.78 57.33
C25 9B7 F . 12.07 -2.15 56.10
C27 9B7 F . 11.59 -3.58 56.21
C29 9B7 F . 10.71 -3.58 57.48
C31 9B7 F . 8.54 -4.52 56.61
C35 9B7 F . 6.19 -4.96 55.79
C37 9B7 F . 7.27 -4.03 56.35
C39 9B7 F . 8.50 -2.42 57.12
O01 9B7 F . 6.20 -1.10 48.94
C02 9B7 F . 7.26 -1.13 49.46
N03 9B7 F . 8.02 -2.35 49.48
C04 9B7 F . 9.33 -2.35 50.11
N05 9B7 F . 9.85 -1.13 50.73
C06 9B7 F . 9.05 0.13 50.70
C07 9B7 F . 7.81 0.15 50.09
N08 9B7 F . 7.34 1.39 50.22
C09 9B7 F . 8.22 2.12 50.87
N10 9B7 F . 9.27 1.37 51.16
O12 9B7 F . 11.66 1.37 51.11
O15 9B7 F . 13.79 -0.65 52.98
P16 9B7 F . 13.30 -2.08 53.67
O18 9B7 F . 14.31 -3.10 53.22
O20 9B7 F . 11.86 2.17 54.35
P21 9B7 F . 11.92 1.90 55.98
O26 9B7 F . 13.37 -2.09 55.33
O28 9B7 F . 12.64 -4.42 56.37
N30 9B7 F . 9.27 -3.50 57.09
N32 9B7 F . 8.86 -5.95 56.35
C33 9B7 F . 7.83 -6.84 55.81
N34 9B7 F . 6.50 -6.33 55.54
O36 9B7 F . 5.10 -4.55 55.57
N38 9B7 F . 7.27 -2.73 56.68
O40 9B7 F . 11.05 -2.55 58.16
O41 9B7 F . 12.45 3.05 56.80
O42 9B7 F . 10.47 1.78 56.39
C43 9B7 F . 10.39 0.97 53.16
O44 9B7 F . 9.49 1.62 54.17
C11 9B7 G . 3.97 -0.97 53.12
C13 9B7 G . 2.70 -2.61 52.17
C14 9B7 G . 2.91 -4.02 51.72
O17 9B7 G . 5.42 -5.02 50.21
C19 9B7 G . 3.25 -1.53 51.01
O22 9B7 G . 2.77 -1.90 47.79
C23 9B7 G . 3.91 -1.72 46.94
C24 9B7 G . 4.39 -3.07 46.44
C25 9B7 G . 5.00 -3.72 47.37
C27 9B7 G . 6.21 -4.35 46.70
C29 9B7 G . 6.55 -3.37 45.55
C31 9B7 G . 8.79 -2.58 46.44
C35 9B7 G . 10.78 -1.28 47.29
C37 9B7 G . 9.34 -1.36 46.77
C39 9B7 G . 7.31 -1.03 46.10
O01 9B7 G . 9.57 -2.06 54.19
C02 9B7 G . 8.55 -2.39 53.68
N03 9B7 G . 8.50 -3.61 52.93
C04 9B7 G . 7.25 -4.02 52.30
N05 9B7 G . 6.06 -3.17 52.45
C06 9B7 G . 6.12 -1.91 53.22
C07 9B7 G . 7.31 -1.51 53.81
N08 9B7 G . 7.07 -0.35 54.43
C09 9B7 G . 5.80 -0.03 54.25
N10 9B7 G . 5.22 -0.96 53.51
O12 9B7 G . 3.37 -2.40 53.25
O15 9B7 G . 2.95 -4.05 50.31
P16 9B7 G . 4.06 -5.02 49.56
O18 9B7 G . 3.54 -6.42 49.76
O20 9B7 G . 2.11 -0.92 50.31
P21 9B7 G . 2.26 -0.59 48.70
O26 9B7 G . 4.10 -4.81 47.91
O28 9B7 G . 5.87 -5.57 46.19
N30 9B7 G . 7.53 -2.33 46.02
N32 9B7 G . 9.59 -3.83 46.58
C33 9B7 G . 10.96 -3.77 47.07
N34 9B7 G . 11.55 -2.49 47.43
O36 9B7 G . 11.25 -0.24 47.59
N38 9B7 G . 8.40 -0.42 46.55
O40 9B7 G . 5.44 -2.82 45.23
O41 9B7 G . 1.08 0.14 48.11
O42 9B7 G . 3.40 0.40 48.60
C43 9B7 G . 3.93 -0.62 51.58
O44 9B7 G . 3.31 0.72 51.38
C11 9B7 H . 15.61 -1.37 22.38
C13 9B7 H . 16.08 0.01 24.12
C14 9B7 H . 15.80 1.43 24.52
O17 9B7 H . 13.03 3.84 23.11
C19 9B7 H . 17.29 -0.01 22.96
O22 9B7 H . 18.75 2.58 22.27
C23 9B7 H . 18.46 3.72 23.08
C24 9B7 H . 17.60 4.69 22.30
C25 9B7 H . 16.39 4.23 22.18
C27 9B7 H . 15.88 4.99 20.96
C29 9B7 H . 17.11 4.98 20.01
C31 9B7 H . 16.05 3.71 18.09
C35 9B7 H . 15.41 2.07 16.29
C37 9B7 H . 16.29 2.51 17.45
C39 9B7 H . 17.76 2.77 19.02
O01 9B7 H . 13.90 -0.87 16.84
C02 9B7 H . 14.42 -1.51 17.68
N03 9B7 H . 14.95 -2.81 17.36
C04 9B7 H . 15.60 -3.59 18.41
N05 9B7 H . 15.70 -3.06 19.77
C06 9B7 H . 15.16 -1.71 20.09
C07 9B7 H . 14.54 -0.96 19.10
N08 9B7 H . 14.15 0.19 19.69
C09 9B7 H . 14.50 0.16 20.96
N10 9B7 H . 15.12 -0.99 21.22
O12 9B7 H . 15.06 -0.49 23.54
O15 9B7 H . 14.75 1.90 23.71
P16 9B7 H . 14.33 3.52 23.79
O18 9B7 H . 14.06 3.76 25.25
O20 9B7 H . 18.60 0.12 23.57
P21 9B7 H . 19.59 1.32 22.98
O26 9B7 H . 15.56 4.55 23.41
O28 9B7 H . 15.54 6.27 21.30
N30 9B7 H . 16.98 3.84 19.06
N32 9B7 H . 14.92 4.59 17.66
C33 9B7 H . 14.07 4.16 16.54
N34 9B7 H . 14.31 2.90 15.86
O36 9B7 H . 15.61 1.04 15.75
N38 9B7 H . 17.35 1.96 18.05
O40 9B7 H . 18.14 4.83 20.76
O41 9B7 H . 20.67 1.74 23.93
O42 9B7 H . 20.33 0.67 21.83
C43 9B7 H . 17.16 -1.15 22.41
O44 9B7 H . 17.82 -2.21 23.23
#